data_3IT4
#
_entry.id   3IT4
#
_cell.length_a   60.140
_cell.length_b   99.699
_cell.length_c   155.245
_cell.angle_alpha   90.00
_cell.angle_beta   90.00
_cell.angle_gamma   90.00
#
_symmetry.space_group_name_H-M   'P 21 21 21'
#
loop_
_entity.id
_entity.type
_entity.pdbx_description
1 polymer 'Arginine biosynthesis bifunctional protein argJ alpha chain'
2 polymer 'Arginine biosynthesis bifunctional protein argJ beta chain'
3 non-polymer GLYCEROL
4 non-polymer 'ACETATE ION'
5 non-polymer 'BENZOIC ACID'
6 water water
#
loop_
_entity_poly.entity_id
_entity_poly.type
_entity_poly.pdbx_seq_one_letter_code
_entity_poly.pdbx_strand_id
1 'polypeptide(L)'
;VTDLAGTTRLLRAQGVTAPAGFRAAGVAAGIKASGALDLALVFNEGPDYAAAGVFTRNQVKAAPVLWTQQVLTTGRLRAV
ILNSGGANACTGPAGFADTHATAEAVAAALSDWGTETGAIEVAVCSTGLIGDRLPMDKLLAGVAHVVHEMHGGLVGGDEA
AHAIMTTDNVPKQVALHHHDNWTVGGMAKGAGMLAPSLA
;
A,C
2 'polypeptide(L)'
;TMLCVLTTDAAAEPAALERALRRAAAATFDRLDIDGSCSTNDTVLLLSSGASEIPPAQADLDEAVLRVCDDLCAQLQADA
EGVTKRVTVTVTGAATEDDALVAARQIARDSLVKTALFGSDPNWGRVLAAVGMAPITLDPDRISVSFNGAAVCVHGVGAP
GAREVDLSDADIDITVDLGVGDGQARIRTTDLSHAYVEENSAYSS
;
B,D
#
loop_
_chem_comp.id
_chem_comp.type
_chem_comp.name
_chem_comp.formula
ACT non-polymer 'ACETATE ION' 'C2 H3 O2 -1'
BEZ non-polymer 'BENZOIC ACID' 'C7 H6 O2'
GOL non-polymer GLYCEROL 'C3 H8 O3'
#
# COMPACT_ATOMS: atom_id res chain seq x y z
N THR A 7 1.37 29.67 -32.30
CA THR A 7 0.40 29.59 -31.16
C THR A 7 0.00 28.15 -30.82
N THR A 8 0.95 27.38 -30.26
CA THR A 8 0.68 26.01 -29.77
C THR A 8 -0.30 26.07 -28.61
N ARG A 9 -1.39 25.32 -28.72
CA ARG A 9 -2.44 25.30 -27.70
C ARG A 9 -2.78 23.87 -27.26
N LEU A 10 -3.00 23.69 -25.96
CA LEU A 10 -3.48 22.43 -25.40
C LEU A 10 -4.94 22.59 -24.99
N LEU A 11 -5.83 21.84 -25.65
CA LEU A 11 -7.27 22.07 -25.56
C LEU A 11 -8.06 20.85 -25.11
N ARG A 12 -8.75 20.99 -23.98
CA ARG A 12 -9.63 19.93 -23.45
C ARG A 12 -10.96 19.85 -24.21
N ALA A 13 -11.69 18.75 -24.01
CA ALA A 13 -12.96 18.48 -24.69
C ALA A 13 -12.77 18.27 -26.19
N GLN A 14 -11.53 17.94 -26.55
CA GLN A 14 -11.13 17.55 -27.92
C GLN A 14 -10.22 16.31 -27.76
N GLY A 15 -10.35 15.34 -28.65
CA GLY A 15 -9.62 14.08 -28.47
C GLY A 15 -9.11 13.47 -29.75
N VAL A 16 -9.38 12.19 -29.92
CA VAL A 16 -8.68 11.41 -30.91
C VAL A 16 -9.07 11.78 -32.33
N THR A 17 -10.20 12.47 -32.53
CA THR A 17 -10.51 12.91 -33.89
C THR A 17 -10.13 14.36 -34.17
N ALA A 18 -9.46 15.00 -33.22
CA ALA A 18 -8.90 16.35 -33.48
C ALA A 18 -7.86 16.35 -34.59
N PRO A 19 -6.88 15.42 -34.58
CA PRO A 19 -5.97 15.38 -35.74
C PRO A 19 -6.67 14.81 -36.98
N ALA A 20 -6.21 15.22 -38.16
CA ALA A 20 -6.78 14.74 -39.40
C ALA A 20 -6.36 13.30 -39.69
N GLY A 21 -7.21 12.55 -40.39
CA GLY A 21 -6.91 11.18 -40.77
C GLY A 21 -7.46 10.14 -39.80
N PHE A 22 -8.37 10.57 -38.94
CA PHE A 22 -8.96 9.70 -37.90
C PHE A 22 -10.48 9.80 -37.81
N ARG A 23 -11.13 8.65 -37.73
CA ARG A 23 -12.54 8.60 -37.39
C ARG A 23 -12.74 7.88 -36.05
N ALA A 24 -13.88 8.09 -35.40
CA ALA A 24 -14.21 7.35 -34.18
C ALA A 24 -15.69 7.33 -33.94
N ALA A 25 -16.13 6.42 -33.07
CA ALA A 25 -17.51 6.39 -32.61
C ALA A 25 -17.61 5.62 -31.30
N GLY A 26 -18.76 5.70 -30.64
CA GLY A 26 -19.04 4.91 -29.46
C GLY A 26 -20.51 4.54 -29.43
N VAL A 27 -20.80 3.29 -29.11
CA VAL A 27 -22.18 2.81 -29.13
C VAL A 27 -22.51 2.04 -27.86
N ALA A 28 -23.81 1.92 -27.59
CA ALA A 28 -24.33 1.07 -26.53
C ALA A 28 -24.63 -0.33 -27.10
N ALA A 29 -23.71 -1.26 -26.90
CA ALA A 29 -23.85 -2.59 -27.49
C ALA A 29 -24.64 -3.55 -26.60
N GLY A 30 -25.10 -3.07 -25.43
CA GLY A 30 -25.80 -3.92 -24.47
C GLY A 30 -24.88 -4.77 -23.61
N ILE A 31 -23.57 -4.51 -23.68
CA ILE A 31 -22.57 -5.16 -22.80
C ILE A 31 -22.83 -4.74 -21.36
N LYS A 32 -23.04 -3.46 -21.15
CA LYS A 32 -23.44 -2.95 -19.83
C LYS A 32 -24.94 -3.11 -19.58
N ALA A 33 -25.27 -3.66 -18.41
CA ALA A 33 -26.67 -3.79 -17.98
C ALA A 33 -27.37 -2.44 -18.03
N SER A 34 -26.64 -1.38 -17.67
CA SER A 34 -27.16 -0.01 -17.74
C SER A 34 -27.61 0.39 -19.14
N GLY A 35 -26.93 -0.14 -20.15
CA GLY A 35 -27.19 0.26 -21.52
C GLY A 35 -26.54 1.59 -21.85
N ALA A 36 -25.53 1.98 -21.06
CA ALA A 36 -24.66 3.11 -21.40
C ALA A 36 -23.76 2.71 -22.58
N LEU A 37 -23.14 3.72 -23.20
CA LEU A 37 -22.13 3.50 -24.22
C LEU A 37 -21.05 2.60 -23.63
N ASP A 38 -20.61 1.62 -24.41
CA ASP A 38 -19.70 0.58 -23.90
C ASP A 38 -18.78 0.02 -24.96
N LEU A 39 -18.91 0.50 -26.19
CA LEU A 39 -18.02 0.05 -27.25
C LEU A 39 -17.54 1.22 -28.09
N ALA A 40 -16.21 1.39 -28.16
CA ALA A 40 -15.53 2.46 -28.92
C ALA A 40 -14.63 1.97 -30.03
N LEU A 41 -14.59 2.77 -31.11
CA LEU A 41 -13.74 2.48 -32.24
C LEU A 41 -12.93 3.72 -32.62
N VAL A 42 -11.63 3.53 -32.86
CA VAL A 42 -10.79 4.56 -33.43
C VAL A 42 -10.19 3.99 -34.70
N PHE A 43 -10.40 4.70 -35.79
CA PHE A 43 -10.03 4.23 -37.11
C PHE A 43 -9.04 5.17 -37.75
N ASN A 44 -7.96 4.60 -38.24
CA ASN A 44 -6.95 5.38 -38.95
C ASN A 44 -7.22 5.37 -40.48
N GLU A 45 -7.41 6.56 -41.06
CA GLU A 45 -7.72 6.70 -42.51
C GLU A 45 -6.49 6.68 -43.39
N GLY A 46 -5.31 6.67 -42.77
CA GLY A 46 -4.05 6.83 -43.49
C GLY A 46 -3.75 8.29 -43.83
N PRO A 47 -2.79 8.53 -44.76
CA PRO A 47 -2.05 7.57 -45.61
C PRO A 47 -1.08 6.63 -44.90
N ASP A 48 -0.61 7.02 -43.72
CA ASP A 48 0.35 6.25 -42.93
C ASP A 48 -0.37 5.49 -41.83
N TYR A 49 0.27 4.43 -41.33
CA TYR A 49 -0.35 3.53 -40.34
C TYR A 49 0.57 3.17 -39.19
N ALA A 50 1.61 3.97 -39.02
CA ALA A 50 2.62 3.77 -37.97
C ALA A 50 1.95 3.78 -36.59
N ALA A 51 2.44 2.94 -35.69
CA ALA A 51 1.89 2.82 -34.34
C ALA A 51 2.94 2.36 -33.33
N ALA A 52 2.73 2.72 -32.07
CA ALA A 52 3.55 2.24 -30.95
C ALA A 52 2.61 1.96 -29.77
N GLY A 53 3.00 1.06 -28.87
CA GLY A 53 2.13 0.74 -27.73
C GLY A 53 2.94 0.37 -26.51
N VAL A 54 2.40 0.65 -25.33
CA VAL A 54 2.97 0.14 -24.07
C VAL A 54 1.85 -0.45 -23.25
N PHE A 55 2.23 -1.40 -22.38
CA PHE A 55 1.26 -2.25 -21.75
C PHE A 55 1.64 -2.52 -20.33
N THR A 56 0.66 -3.00 -19.56
CA THR A 56 0.87 -3.30 -18.14
C THR A 56 2.03 -4.26 -17.92
N ARG A 57 2.86 -3.95 -16.92
CA ARG A 57 3.91 -4.89 -16.48
C ARG A 57 3.45 -5.97 -15.50
N ASN A 58 2.16 -5.94 -15.13
CA ASN A 58 1.55 -7.02 -14.36
C ASN A 58 1.84 -8.38 -15.03
N GLN A 59 2.29 -9.37 -14.25
CA GLN A 59 2.46 -10.69 -14.81
C GLN A 59 1.16 -11.40 -15.19
N VAL A 60 0.04 -10.97 -14.63
CA VAL A 60 -1.26 -11.44 -15.09
C VAL A 60 -1.73 -10.43 -16.15
N LYS A 61 -1.71 -10.84 -17.41
CA LYS A 61 -2.17 -9.97 -18.52
C LYS A 61 -3.44 -10.47 -19.16
N ALA A 62 -4.44 -9.59 -19.31
CA ALA A 62 -5.71 -9.89 -20.00
C ALA A 62 -5.47 -10.32 -21.43
N ALA A 63 -6.34 -11.16 -21.95
CA ALA A 63 -6.36 -11.50 -23.39
C ALA A 63 -6.14 -10.33 -24.37
N PRO A 64 -6.89 -9.22 -24.20
CA PRO A 64 -6.65 -8.11 -25.14
C PRO A 64 -5.25 -7.46 -25.06
N VAL A 65 -4.62 -7.45 -23.89
CA VAL A 65 -3.24 -7.01 -23.76
C VAL A 65 -2.29 -7.95 -24.53
N LEU A 66 -2.47 -9.25 -24.34
CA LEU A 66 -1.64 -10.25 -25.02
C LEU A 66 -1.75 -10.12 -26.53
N TRP A 67 -3.00 -9.95 -27.00
CA TRP A 67 -3.28 -9.84 -28.45
C TRP A 67 -2.65 -8.57 -29.03
N THR A 68 -2.88 -7.44 -28.36
CA THR A 68 -2.35 -6.16 -28.84
C THR A 68 -0.81 -6.03 -28.77
N GLN A 69 -0.19 -6.69 -27.78
CA GLN A 69 1.27 -6.71 -27.74
C GLN A 69 1.80 -7.36 -29.01
N GLN A 70 1.20 -8.49 -29.37
CA GLN A 70 1.45 -9.26 -30.59
C GLN A 70 1.26 -8.39 -31.84
N VAL A 71 0.09 -7.76 -31.95
CA VAL A 71 -0.20 -6.84 -33.05
C VAL A 71 0.87 -5.76 -33.16
N LEU A 72 1.22 -5.16 -32.03
CA LEU A 72 2.15 -4.03 -32.07
C LEU A 72 3.59 -4.37 -32.51
N THR A 73 3.97 -5.66 -32.54
CA THR A 73 5.31 -6.03 -33.03
C THR A 73 5.49 -5.66 -34.51
N THR A 74 4.38 -5.44 -35.22
CA THR A 74 4.41 -5.02 -36.63
C THR A 74 4.70 -3.50 -36.81
N GLY A 75 4.43 -2.70 -35.79
CA GLY A 75 4.56 -1.25 -35.87
C GLY A 75 3.45 -0.61 -36.67
N ARG A 76 2.36 -1.35 -36.87
CA ARG A 76 1.32 -0.94 -37.79
C ARG A 76 -0.05 -1.24 -37.21
N LEU A 77 -0.93 -0.24 -37.32
CA LEU A 77 -2.30 -0.35 -36.90
C LEU A 77 -3.25 0.40 -37.81
N ARG A 78 -4.40 -0.21 -38.10
CA ARG A 78 -5.46 0.52 -38.79
C ARG A 78 -6.62 0.90 -37.88
N ALA A 79 -6.82 0.18 -36.78
CA ALA A 79 -7.94 0.50 -35.88
C ALA A 79 -7.71 0.00 -34.47
N VAL A 80 -8.46 0.59 -33.53
CA VAL A 80 -8.45 0.13 -32.15
C VAL A 80 -9.91 -0.02 -31.77
N ILE A 81 -10.25 -1.19 -31.28
CA ILE A 81 -11.58 -1.43 -30.76
C ILE A 81 -11.50 -1.61 -29.25
N LEU A 82 -12.39 -0.94 -28.52
CA LEU A 82 -12.30 -0.88 -27.05
C LEU A 82 -13.68 -1.09 -26.44
N ASN A 83 -13.77 -1.99 -25.48
CA ASN A 83 -15.04 -2.14 -24.78
C ASN A 83 -14.91 -1.88 -23.29
N SER A 84 -15.99 -1.36 -22.71
CA SER A 84 -16.14 -1.38 -21.27
C SER A 84 -17.18 -2.45 -20.91
N GLY A 85 -17.46 -2.59 -19.61
CA GLY A 85 -18.39 -3.62 -19.17
C GLY A 85 -17.77 -5.02 -19.15
N GLY A 86 -16.45 -5.11 -19.24
CA GLY A 86 -15.78 -6.41 -19.06
C GLY A 86 -14.32 -6.40 -19.49
N ALA A 87 -13.46 -6.86 -18.58
CA ALA A 87 -12.04 -6.88 -18.81
C ALA A 87 -11.58 -8.02 -19.73
N ASN A 88 -12.42 -9.05 -19.89
CA ASN A 88 -11.97 -10.26 -20.58
C ASN A 88 -10.58 -10.69 -20.07
N ALA A 89 -10.42 -10.68 -18.74
CA ALA A 89 -9.14 -10.94 -18.11
C ALA A 89 -9.25 -12.26 -17.35
N CYS A 90 -8.18 -13.04 -17.32
CA CYS A 90 -8.19 -14.38 -16.66
C CYS A 90 -9.33 -15.24 -17.20
N THR A 91 -9.45 -15.29 -18.54
CA THR A 91 -10.52 -16.01 -19.22
C THR A 91 -10.04 -17.19 -20.11
N GLY A 92 -8.74 -17.46 -20.07
CA GLY A 92 -8.19 -18.68 -20.67
C GLY A 92 -8.13 -18.59 -22.18
N PRO A 93 -7.82 -19.71 -22.85
CA PRO A 93 -7.77 -19.82 -24.32
C PRO A 93 -9.04 -19.30 -24.99
N ALA A 94 -10.20 -19.54 -24.38
CA ALA A 94 -11.44 -19.12 -24.97
C ALA A 94 -11.59 -17.59 -24.93
N GLY A 95 -11.11 -16.96 -23.85
CA GLY A 95 -11.12 -15.48 -23.78
C GLY A 95 -10.21 -14.87 -24.83
N PHE A 96 -9.05 -15.48 -25.04
CA PHE A 96 -8.15 -15.02 -26.08
C PHE A 96 -8.81 -15.20 -27.44
N ALA A 97 -9.52 -16.31 -27.62
CA ALA A 97 -10.29 -16.51 -28.87
C ALA A 97 -11.32 -15.39 -29.11
N ASP A 98 -11.96 -14.93 -28.02
CA ASP A 98 -12.97 -13.86 -28.08
C ASP A 98 -12.37 -12.54 -28.51
N THR A 99 -11.13 -12.26 -28.05
CA THR A 99 -10.35 -11.09 -28.45
C THR A 99 -10.06 -11.16 -29.95
N HIS A 100 -9.54 -12.31 -30.39
CA HIS A 100 -9.31 -12.52 -31.81
C HIS A 100 -10.59 -12.36 -32.65
N ALA A 101 -11.68 -12.98 -32.19
CA ALA A 101 -12.99 -12.86 -32.88
C ALA A 101 -13.44 -11.38 -32.99
N THR A 102 -13.14 -10.58 -31.98
CA THR A 102 -13.49 -9.15 -32.05
C THR A 102 -12.69 -8.44 -33.14
N ALA A 103 -11.38 -8.67 -33.14
CA ALA A 103 -10.46 -8.06 -34.11
C ALA A 103 -10.81 -8.48 -35.53
N GLU A 104 -11.14 -9.76 -35.68
CA GLU A 104 -11.62 -10.33 -36.96
C GLU A 104 -12.89 -9.63 -37.43
N ALA A 105 -13.86 -9.52 -36.52
CA ALA A 105 -15.15 -8.83 -36.73
C ALA A 105 -14.95 -7.40 -37.17
N VAL A 106 -14.17 -6.62 -36.42
CA VAL A 106 -13.83 -5.25 -36.88
C VAL A 106 -13.21 -5.24 -38.30
N ALA A 107 -12.21 -6.09 -38.53
CA ALA A 107 -11.49 -6.10 -39.81
C ALA A 107 -12.43 -6.43 -40.97
N ALA A 108 -13.32 -7.40 -40.75
CA ALA A 108 -14.34 -7.75 -41.75
C ALA A 108 -15.25 -6.56 -42.04
N ALA A 109 -15.73 -5.90 -40.98
CA ALA A 109 -16.66 -4.77 -41.08
C ALA A 109 -16.01 -3.58 -41.78
N LEU A 110 -14.72 -3.38 -41.56
CA LEU A 110 -13.98 -2.33 -42.26
C LEU A 110 -13.84 -2.68 -43.72
N SER A 111 -13.56 -3.96 -43.99
CA SER A 111 -13.43 -4.47 -45.35
C SER A 111 -14.74 -4.28 -46.12
N ASP A 112 -15.87 -4.49 -45.44
CA ASP A 112 -17.18 -4.19 -46.02
C ASP A 112 -17.49 -2.69 -46.16
N TRP A 113 -16.99 -1.87 -45.23
CA TRP A 113 -17.14 -0.41 -45.23
C TRP A 113 -16.46 0.22 -46.43
N GLY A 114 -15.32 -0.35 -46.82
CA GLY A 114 -14.65 0.07 -48.03
C GLY A 114 -13.13 0.03 -47.97
N THR A 115 -12.60 -0.36 -46.81
CA THR A 115 -11.15 -0.42 -46.60
C THR A 115 -10.71 -1.82 -46.23
N GLU A 116 -10.00 -2.50 -47.13
CA GLU A 116 -9.58 -3.89 -46.87
C GLU A 116 -8.65 -3.95 -45.66
N THR A 117 -9.03 -4.78 -44.69
CA THR A 117 -8.33 -4.84 -43.40
C THR A 117 -8.33 -6.28 -42.87
N GLY A 118 -7.20 -6.66 -42.27
CA GLY A 118 -7.06 -7.97 -41.62
C GLY A 118 -7.05 -7.85 -40.11
N ALA A 119 -7.35 -8.95 -39.43
CA ALA A 119 -7.39 -8.97 -37.95
C ALA A 119 -6.14 -8.40 -37.30
N ILE A 120 -4.97 -8.69 -37.88
CA ILE A 120 -3.69 -8.35 -37.31
C ILE A 120 -3.48 -6.82 -37.33
N GLU A 121 -4.35 -6.11 -38.04
CA GLU A 121 -4.33 -4.64 -38.07
C GLU A 121 -5.21 -3.96 -37.01
N VAL A 122 -5.78 -4.74 -36.12
CA VAL A 122 -6.82 -4.21 -35.21
C VAL A 122 -6.43 -4.45 -33.75
N ALA A 123 -6.06 -3.38 -33.05
CA ALA A 123 -5.74 -3.50 -31.63
C ALA A 123 -7.03 -3.65 -30.85
N VAL A 124 -7.00 -4.35 -29.72
CA VAL A 124 -8.21 -4.61 -28.97
C VAL A 124 -7.90 -4.24 -27.50
N CYS A 125 -8.78 -3.47 -26.89
CA CYS A 125 -8.66 -3.12 -25.47
C CYS A 125 -9.93 -3.45 -24.74
N SER A 126 -9.83 -3.77 -23.47
CA SER A 126 -11.00 -4.06 -22.66
C SER A 126 -10.81 -3.47 -21.27
N THR A 127 -11.93 -3.13 -20.62
CA THR A 127 -11.88 -2.71 -19.22
C THR A 127 -13.17 -3.11 -18.50
N GLY A 128 -13.04 -3.48 -17.24
CA GLY A 128 -14.20 -3.87 -16.44
C GLY A 128 -13.85 -4.97 -15.46
N LEU A 129 -14.85 -5.76 -15.09
CA LEU A 129 -14.62 -6.88 -14.14
C LEU A 129 -13.71 -7.97 -14.67
N ILE A 130 -12.85 -8.49 -13.78
CA ILE A 130 -11.91 -9.56 -14.09
C ILE A 130 -12.56 -10.91 -13.86
N GLY A 131 -12.36 -11.81 -14.81
CA GLY A 131 -12.76 -13.20 -14.64
C GLY A 131 -14.00 -13.63 -15.36
N ASP A 132 -14.73 -12.66 -15.91
CA ASP A 132 -15.98 -12.95 -16.62
C ASP A 132 -15.73 -12.93 -18.12
N ARG A 133 -16.41 -13.81 -18.84
CA ARG A 133 -16.40 -13.82 -20.30
C ARG A 133 -17.26 -12.69 -20.91
N LEU A 134 -16.87 -12.19 -22.09
CA LEU A 134 -17.65 -11.20 -22.86
C LEU A 134 -18.96 -11.76 -23.47
N PRO A 135 -20.02 -10.92 -23.61
CA PRO A 135 -21.23 -11.36 -24.32
C PRO A 135 -21.06 -11.16 -25.83
N MET A 136 -20.56 -12.19 -26.49
CA MET A 136 -20.07 -12.07 -27.86
C MET A 136 -21.13 -11.69 -28.91
N ASP A 137 -22.32 -12.25 -28.84
CA ASP A 137 -23.41 -11.88 -29.76
C ASP A 137 -23.60 -10.36 -29.72
N LYS A 138 -23.77 -9.82 -28.50
CA LYS A 138 -23.92 -8.39 -28.28
C LYS A 138 -22.72 -7.59 -28.76
N LEU A 139 -21.51 -8.01 -28.38
CA LEU A 139 -20.29 -7.33 -28.82
C LEU A 139 -20.19 -7.26 -30.34
N LEU A 140 -20.45 -8.38 -30.99
CA LEU A 140 -20.19 -8.48 -32.41
C LEU A 140 -21.21 -7.64 -33.18
N ALA A 141 -22.44 -7.59 -32.66
CA ALA A 141 -23.49 -6.73 -33.22
C ALA A 141 -23.11 -5.27 -33.08
N GLY A 142 -22.45 -4.95 -31.97
CA GLY A 142 -21.98 -3.59 -31.71
C GLY A 142 -20.85 -3.15 -32.63
N VAL A 143 -19.99 -4.09 -32.98
CA VAL A 143 -18.89 -3.83 -33.91
C VAL A 143 -19.46 -3.38 -35.27
N ALA A 144 -20.54 -4.04 -35.71
CA ALA A 144 -21.18 -3.69 -36.96
C ALA A 144 -21.71 -2.28 -36.88
N HIS A 145 -22.35 -1.95 -35.75
CA HIS A 145 -22.96 -0.65 -35.54
C HIS A 145 -21.87 0.43 -35.47
N VAL A 146 -20.89 0.26 -34.60
CA VAL A 146 -19.84 1.26 -34.39
C VAL A 146 -19.05 1.60 -35.67
N VAL A 147 -18.79 0.60 -36.50
CA VAL A 147 -18.09 0.84 -37.77
C VAL A 147 -18.96 1.68 -38.73
N HIS A 148 -20.26 1.47 -38.68
CA HIS A 148 -21.19 2.23 -39.51
C HIS A 148 -21.38 3.67 -38.98
N GLU A 149 -21.03 3.89 -37.72
CA GLU A 149 -21.25 5.18 -37.06
C GLU A 149 -20.02 6.09 -37.10
N MET A 150 -18.86 5.51 -37.35
CA MET A 150 -17.61 6.23 -37.17
C MET A 150 -17.50 7.44 -38.08
N HIS A 151 -17.14 8.58 -37.50
CA HIS A 151 -16.87 9.78 -38.30
C HIS A 151 -15.72 10.61 -37.75
N GLY A 152 -15.20 11.51 -38.58
CA GLY A 152 -14.05 12.33 -38.22
C GLY A 152 -14.36 13.60 -37.42
N GLY A 153 -15.64 13.82 -37.12
CA GLY A 153 -16.07 14.98 -36.33
C GLY A 153 -15.61 14.83 -34.90
N LEU A 154 -15.56 15.93 -34.15
CA LEU A 154 -15.20 15.88 -32.74
C LEU A 154 -16.14 14.98 -31.93
N VAL A 155 -17.44 15.01 -32.27
CA VAL A 155 -18.45 14.21 -31.58
C VAL A 155 -18.10 12.70 -31.62
N GLY A 156 -17.53 12.27 -32.73
CA GLY A 156 -17.04 10.89 -32.87
C GLY A 156 -15.99 10.52 -31.83
N GLY A 157 -14.96 11.35 -31.69
CA GLY A 157 -13.94 11.21 -30.62
C GLY A 157 -14.61 11.25 -29.25
N ASP A 158 -15.59 12.14 -29.10
CA ASP A 158 -16.28 12.30 -27.83
C ASP A 158 -17.10 11.09 -27.37
N GLU A 159 -17.85 10.50 -28.31
CA GLU A 159 -18.61 9.28 -28.04
C GLU A 159 -17.67 8.15 -27.69
N ALA A 160 -16.52 8.06 -28.37
CA ALA A 160 -15.54 7.01 -28.04
C ALA A 160 -14.99 7.20 -26.63
N ALA A 161 -14.71 8.45 -26.25
CA ALA A 161 -14.19 8.72 -24.89
C ALA A 161 -15.23 8.36 -23.84
N HIS A 162 -16.51 8.55 -24.17
CA HIS A 162 -17.55 8.14 -23.24
C HIS A 162 -17.71 6.62 -23.15
N ALA A 163 -17.54 5.95 -24.29
CA ALA A 163 -17.80 4.52 -24.40
C ALA A 163 -16.79 3.69 -23.63
N ILE A 164 -15.60 4.25 -23.39
CA ILE A 164 -14.55 3.49 -22.65
C ILE A 164 -14.64 3.67 -21.14
N MET A 165 -15.57 4.51 -20.69
CA MET A 165 -15.73 4.72 -19.25
C MET A 165 -16.31 3.51 -18.51
N THR A 166 -15.85 3.33 -17.27
CA THR A 166 -16.45 2.37 -16.36
C THR A 166 -16.99 3.09 -15.14
N THR A 167 -16.13 3.30 -14.15
CA THR A 167 -16.52 3.98 -12.90
C THR A 167 -16.23 5.48 -12.99
N ASP A 168 -15.70 5.90 -14.13
CA ASP A 168 -15.43 7.32 -14.40
C ASP A 168 -16.73 8.09 -14.32
N ASN A 169 -16.68 9.34 -13.84
CA ASN A 169 -17.86 10.21 -13.90
C ASN A 169 -17.80 11.13 -15.12
N VAL A 170 -16.58 11.46 -15.58
CA VAL A 170 -16.42 12.27 -16.80
C VAL A 170 -15.39 11.62 -17.72
N PRO A 171 -15.47 11.91 -19.03
CA PRO A 171 -14.44 11.41 -19.96
C PRO A 171 -13.18 12.25 -19.79
N LYS A 172 -12.08 11.76 -20.34
CA LYS A 172 -10.81 12.44 -20.26
C LYS A 172 -10.30 12.57 -21.68
N GLN A 173 -10.15 13.79 -22.14
CA GLN A 173 -9.76 14.09 -23.52
C GLN A 173 -8.94 15.38 -23.57
N VAL A 174 -7.97 15.42 -24.48
CA VAL A 174 -7.21 16.65 -24.77
C VAL A 174 -6.57 16.57 -26.17
N ALA A 175 -6.29 17.72 -26.76
CA ALA A 175 -5.50 17.75 -27.99
C ALA A 175 -4.51 18.88 -27.97
N LEU A 176 -3.32 18.62 -28.50
CA LEU A 176 -2.28 19.64 -28.65
C LEU A 176 -2.16 19.97 -30.13
N HIS A 177 -2.44 21.23 -30.44
CA HIS A 177 -2.34 21.76 -31.80
C HIS A 177 -1.04 22.53 -31.92
N HIS A 178 -0.05 21.90 -32.54
CA HIS A 178 1.27 22.51 -32.72
C HIS A 178 1.23 23.65 -33.75
N HIS A 179 2.10 24.63 -33.55
CA HIS A 179 2.17 25.80 -34.43
C HIS A 179 2.76 25.50 -35.82
N ASP A 180 3.20 24.25 -36.04
CA ASP A 180 3.62 23.79 -37.36
C ASP A 180 2.53 22.98 -38.07
N ASN A 181 1.29 23.14 -37.62
CA ASN A 181 0.09 22.59 -38.28
C ASN A 181 -0.06 21.07 -38.22
N TRP A 182 0.28 20.50 -37.07
CA TRP A 182 -0.04 19.10 -36.79
C TRP A 182 -0.55 19.02 -35.35
N THR A 183 -1.24 17.92 -35.05
CA THR A 183 -1.99 17.81 -33.81
C THR A 183 -1.75 16.44 -33.22
N VAL A 184 -1.70 16.39 -31.88
CA VAL A 184 -1.78 15.13 -31.12
C VAL A 184 -3.06 15.15 -30.29
N GLY A 185 -3.87 14.12 -30.45
CA GLY A 185 -5.15 14.01 -29.72
C GLY A 185 -5.11 12.83 -28.76
N GLY A 186 -5.92 12.90 -27.70
CA GLY A 186 -5.94 11.78 -26.74
C GLY A 186 -7.24 11.61 -25.98
N MET A 187 -7.58 10.35 -25.67
CA MET A 187 -8.62 10.04 -24.71
C MET A 187 -8.03 9.04 -23.71
N ALA A 188 -8.55 9.02 -22.50
CA ALA A 188 -8.14 8.03 -21.50
C ALA A 188 -9.32 7.71 -20.59
N LYS A 189 -9.22 6.62 -19.81
CA LYS A 189 -10.19 6.35 -18.77
C LYS A 189 -9.43 5.71 -17.64
N GLY A 190 -10.05 5.65 -16.47
CA GLY A 190 -9.46 4.96 -15.34
C GLY A 190 -9.57 5.78 -14.08
N ALA A 191 -10.38 5.29 -13.14
CA ALA A 191 -10.63 5.99 -11.87
C ALA A 191 -10.26 5.14 -10.64
N GLY A 192 -10.07 3.84 -10.83
CA GLY A 192 -9.58 2.93 -9.75
C GLY A 192 -8.80 1.77 -10.34
N MET A 193 -8.17 0.95 -9.49
CA MET A 193 -7.10 0.02 -9.94
C MET A 193 -6.21 0.76 -10.95
N LEU A 194 -5.68 1.87 -10.43
CA LEU A 194 -5.07 2.91 -11.21
C LEU A 194 -3.69 3.28 -10.64
N ALA A 195 -2.71 2.48 -11.01
CA ALA A 195 -1.32 2.74 -10.68
C ALA A 195 -0.47 2.14 -11.80
N PRO A 196 -0.47 2.78 -12.99
CA PRO A 196 0.13 2.11 -14.14
C PRO A 196 1.62 1.90 -13.97
N SER A 197 2.07 0.78 -14.50
CA SER A 197 3.48 0.48 -14.65
C SER A 197 3.62 -0.15 -16.02
N LEU A 198 4.14 0.64 -16.96
CA LEU A 198 4.05 0.34 -18.40
C LEU A 198 5.36 -0.08 -19.06
N ALA A 199 5.29 -0.99 -20.04
CA ALA A 199 6.44 -1.30 -20.92
C ALA A 199 5.98 -1.89 -22.25
N THR B 1 -8.47 0.13 -13.97
CA THR B 1 -7.80 0.04 -15.31
C THR B 1 -7.63 1.39 -15.98
N MET B 2 -6.45 1.62 -16.51
CA MET B 2 -6.19 2.80 -17.31
C MET B 2 -6.02 2.38 -18.78
N LEU B 3 -6.88 2.91 -19.66
CA LEU B 3 -6.71 2.75 -21.11
C LEU B 3 -6.53 4.14 -21.70
N CYS B 4 -5.59 4.25 -22.64
CA CYS B 4 -5.39 5.53 -23.32
C CYS B 4 -5.10 5.33 -24.80
N VAL B 5 -5.76 6.12 -25.64
CA VAL B 5 -5.42 6.08 -27.06
C VAL B 5 -5.02 7.49 -27.47
N LEU B 6 -3.86 7.60 -28.10
CA LEU B 6 -3.36 8.84 -28.69
C LEU B 6 -3.31 8.75 -30.21
N THR B 7 -3.67 9.83 -30.87
CA THR B 7 -3.58 9.89 -32.33
C THR B 7 -2.77 11.11 -32.77
N THR B 8 -2.15 11.02 -33.94
CA THR B 8 -1.46 12.18 -34.49
C THR B 8 -1.52 12.19 -36.01
N ASP B 9 -1.66 13.38 -36.56
CA ASP B 9 -1.54 13.56 -38.00
C ASP B 9 -0.13 13.98 -38.44
N ALA B 10 0.79 14.03 -37.47
CA ALA B 10 2.23 14.18 -37.73
C ALA B 10 2.76 12.96 -38.46
N ALA B 11 3.72 13.16 -39.35
CA ALA B 11 4.37 12.04 -40.05
C ALA B 11 5.49 11.56 -39.17
N ALA B 12 5.46 10.27 -38.82
CA ALA B 12 6.46 9.68 -37.94
C ALA B 12 6.50 8.17 -38.10
N GLU B 13 7.71 7.65 -38.19
CA GLU B 13 7.96 6.22 -38.25
C GLU B 13 7.68 5.58 -36.89
N PRO B 14 7.37 4.28 -36.87
CA PRO B 14 7.03 3.60 -35.62
C PRO B 14 8.03 3.85 -34.48
N ALA B 15 9.32 3.78 -34.80
CA ALA B 15 10.38 4.03 -33.84
C ALA B 15 10.35 5.42 -33.20
N ALA B 16 9.87 6.40 -33.97
CA ALA B 16 9.82 7.78 -33.47
C ALA B 16 8.68 7.87 -32.47
N LEU B 17 7.57 7.20 -32.81
CA LEU B 17 6.40 7.16 -31.97
C LEU B 17 6.69 6.40 -30.69
N GLU B 18 7.42 5.30 -30.82
CA GLU B 18 7.83 4.50 -29.67
C GLU B 18 8.67 5.33 -28.68
N ARG B 19 9.64 6.08 -29.20
CA ARG B 19 10.44 6.96 -28.33
C ARG B 19 9.57 7.97 -27.61
N ALA B 20 8.69 8.64 -28.35
CA ALA B 20 7.76 9.60 -27.80
C ALA B 20 6.92 9.00 -26.67
N LEU B 21 6.40 7.80 -26.90
CA LEU B 21 5.42 7.19 -26.01
C LEU B 21 6.09 6.68 -24.75
N ARG B 22 7.22 6.01 -24.91
CA ARG B 22 7.97 5.49 -23.76
C ARG B 22 8.42 6.63 -22.87
N ARG B 23 8.94 7.69 -23.47
CA ARG B 23 9.36 8.85 -22.69
C ARG B 23 8.21 9.50 -21.94
N ALA B 24 7.05 9.61 -22.58
CA ALA B 24 5.89 10.25 -21.97
C ALA B 24 5.30 9.38 -20.84
N ALA B 25 5.18 8.08 -21.11
CA ALA B 25 4.56 7.15 -20.16
C ALA B 25 5.37 7.08 -18.88
N ALA B 26 6.69 7.13 -19.00
CA ALA B 26 7.57 7.05 -17.83
C ALA B 26 7.40 8.29 -16.94
N ALA B 27 7.16 9.43 -17.57
CA ALA B 27 7.06 10.71 -16.86
C ALA B 27 5.66 11.01 -16.35
N THR B 28 4.65 10.32 -16.88
CA THR B 28 3.25 10.68 -16.61
C THR B 28 2.47 9.51 -15.99
N PHE B 29 2.06 8.56 -16.82
CA PHE B 29 1.23 7.46 -16.37
C PHE B 29 1.93 6.63 -15.32
N ASP B 30 3.24 6.46 -15.47
CA ASP B 30 3.99 5.62 -14.53
C ASP B 30 4.11 6.32 -13.18
N ARG B 31 3.77 7.61 -13.13
CA ARG B 31 3.90 8.43 -11.90
C ARG B 31 2.53 8.89 -11.40
N LEU B 32 1.49 8.26 -11.93
CA LEU B 32 0.12 8.48 -11.54
C LEU B 32 -0.26 7.30 -10.68
N ASP B 33 -0.61 7.54 -9.41
CA ASP B 33 -0.78 6.42 -8.49
C ASP B 33 -1.88 6.75 -7.49
N ILE B 34 -3.05 6.22 -7.80
CA ILE B 34 -4.31 6.57 -7.10
C ILE B 34 -4.52 5.64 -5.91
N ASP B 35 -4.52 4.33 -6.14
CA ASP B 35 -4.80 3.39 -5.06
C ASP B 35 -3.82 2.24 -4.98
N GLY B 36 -2.71 2.36 -5.69
CA GLY B 36 -1.58 1.46 -5.57
C GLY B 36 -1.79 0.10 -6.23
N SER B 37 -2.89 -0.06 -6.97
CA SER B 37 -3.25 -1.35 -7.56
C SER B 37 -3.12 -1.29 -9.07
N CYS B 38 -2.12 -1.98 -9.60
CA CYS B 38 -1.85 -2.00 -11.03
C CYS B 38 -2.67 -3.09 -11.72
N SER B 39 -3.41 -2.71 -12.77
CA SER B 39 -4.37 -3.58 -13.42
C SER B 39 -3.79 -4.56 -14.44
N THR B 40 -4.58 -5.58 -14.77
CA THR B 40 -4.26 -6.59 -15.79
C THR B 40 -4.46 -6.13 -17.23
N ASN B 41 -5.00 -4.92 -17.40
CA ASN B 41 -5.49 -4.50 -18.72
C ASN B 41 -4.86 -3.22 -19.25
N ASP B 42 -4.02 -2.54 -18.47
CA ASP B 42 -3.59 -1.19 -18.87
C ASP B 42 -2.89 -1.18 -20.23
N THR B 43 -3.26 -0.22 -21.08
CA THR B 43 -2.70 -0.12 -22.43
C THR B 43 -2.60 1.36 -22.78
N VAL B 44 -1.52 1.76 -23.45
CA VAL B 44 -1.47 3.08 -24.12
C VAL B 44 -0.97 2.85 -25.53
N LEU B 45 -1.73 3.36 -26.49
CA LEU B 45 -1.45 3.21 -27.92
C LEU B 45 -1.24 4.59 -28.52
N LEU B 46 -0.31 4.69 -29.48
CA LEU B 46 -0.08 5.94 -30.20
C LEU B 46 -0.08 5.67 -31.71
N LEU B 47 -1.06 6.24 -32.42
CA LEU B 47 -1.27 5.97 -33.86
C LEU B 47 -0.93 7.24 -34.65
N SER B 48 -0.35 7.05 -35.83
CA SER B 48 -0.06 8.18 -36.71
C SER B 48 -0.65 7.93 -38.10
N SER B 49 -1.41 8.91 -38.59
CA SER B 49 -1.96 8.90 -39.94
C SER B 49 -1.02 9.59 -40.93
N GLY B 50 -0.18 10.49 -40.42
CA GLY B 50 0.71 11.30 -41.23
C GLY B 50 0.00 12.20 -42.23
N ALA B 51 -1.31 12.37 -42.05
CA ALA B 51 -2.16 13.17 -42.95
C ALA B 51 -1.76 14.65 -43.06
N SER B 52 -0.98 15.14 -42.10
CA SER B 52 -0.47 16.51 -42.15
C SER B 52 0.67 16.64 -43.17
N GLU B 53 1.32 15.51 -43.47
CA GLU B 53 2.51 15.44 -44.32
C GLU B 53 3.72 16.18 -43.72
N ILE B 54 3.63 16.57 -42.45
CA ILE B 54 4.73 17.24 -41.79
C ILE B 54 5.44 16.24 -40.85
N PRO B 55 6.75 16.06 -41.04
CA PRO B 55 7.57 15.26 -40.12
C PRO B 55 8.24 16.14 -39.05
N PRO B 56 7.69 16.17 -37.83
CA PRO B 56 8.28 17.06 -36.84
C PRO B 56 9.63 16.55 -36.34
N ALA B 57 10.45 17.45 -35.79
CA ALA B 57 11.69 17.03 -35.15
C ALA B 57 11.34 16.13 -33.94
N GLN B 58 12.21 15.17 -33.63
CA GLN B 58 11.94 14.16 -32.58
C GLN B 58 11.61 14.84 -31.24
N ALA B 59 12.43 15.81 -30.87
CA ALA B 59 12.21 16.60 -29.65
C ALA B 59 10.81 17.21 -29.61
N ASP B 60 10.32 17.68 -30.76
CA ASP B 60 8.98 18.31 -30.80
C ASP B 60 7.86 17.30 -30.68
N LEU B 61 8.02 16.17 -31.37
CA LEU B 61 7.08 15.04 -31.21
C LEU B 61 7.02 14.55 -29.75
N ASP B 62 8.20 14.27 -29.15
CA ASP B 62 8.31 13.93 -27.72
C ASP B 62 7.56 14.89 -26.79
N GLU B 63 7.87 16.18 -26.89
CA GLU B 63 7.24 17.19 -26.06
C GLU B 63 5.72 17.20 -26.20
N ALA B 64 5.20 17.13 -27.43
CA ALA B 64 3.76 17.14 -27.65
C ALA B 64 3.06 15.94 -27.00
N VAL B 65 3.62 14.76 -27.21
CA VAL B 65 3.04 13.53 -26.66
C VAL B 65 3.10 13.63 -25.12
N LEU B 66 4.26 14.06 -24.61
CA LEU B 66 4.41 14.32 -23.18
C LEU B 66 3.33 15.26 -22.60
N ARG B 67 3.11 16.39 -23.25
CA ARG B 67 2.13 17.37 -22.74
C ARG B 67 0.72 16.82 -22.73
N VAL B 68 0.39 16.07 -23.78
CA VAL B 68 -0.91 15.44 -23.87
C VAL B 68 -1.12 14.43 -22.76
N CYS B 69 -0.12 13.58 -22.54
CA CYS B 69 -0.21 12.51 -21.54
C CYS B 69 -0.29 13.10 -20.14
N ASP B 70 0.49 14.17 -19.93
CA ASP B 70 0.53 14.83 -18.61
C ASP B 70 -0.85 15.43 -18.33
N ASP B 71 -1.48 16.02 -19.36
CA ASP B 71 -2.81 16.58 -19.13
C ASP B 71 -3.90 15.54 -18.87
N LEU B 72 -3.80 14.41 -19.59
CA LEU B 72 -4.76 13.34 -19.34
C LEU B 72 -4.57 12.78 -17.93
N CYS B 73 -3.31 12.69 -17.47
CA CYS B 73 -3.01 12.29 -16.07
C CYS B 73 -3.63 13.22 -15.04
N ALA B 74 -3.53 14.54 -15.25
CA ALA B 74 -4.31 15.48 -14.44
C ALA B 74 -5.81 15.22 -14.46
N GLN B 75 -6.40 14.95 -15.63
CA GLN B 75 -7.83 14.67 -15.67
C GLN B 75 -8.21 13.37 -14.94
N LEU B 76 -7.36 12.35 -15.05
CA LEU B 76 -7.62 11.06 -14.42
C LEU B 76 -7.54 11.22 -12.89
N GLN B 77 -6.51 11.94 -12.43
CA GLN B 77 -6.41 12.24 -11.00
C GLN B 77 -7.67 12.97 -10.47
N ALA B 78 -8.09 14.00 -11.20
CA ALA B 78 -9.24 14.81 -10.80
C ALA B 78 -10.56 14.05 -10.72
N ASP B 79 -10.70 12.92 -11.43
CA ASP B 79 -11.94 12.15 -11.42
C ASP B 79 -11.75 10.74 -10.83
N ALA B 80 -10.67 10.56 -10.05
CA ALA B 80 -10.42 9.28 -9.38
C ALA B 80 -11.59 8.85 -8.49
N GLU B 81 -11.74 7.53 -8.31
CA GLU B 81 -12.82 7.00 -7.44
C GLU B 81 -12.79 7.62 -6.04
N GLY B 82 -13.90 8.27 -5.68
CA GLY B 82 -14.05 8.85 -4.34
C GLY B 82 -13.11 9.99 -4.02
N VAL B 83 -12.51 10.60 -5.04
CA VAL B 83 -11.57 11.70 -4.80
C VAL B 83 -12.20 12.88 -4.05
N THR B 84 -11.53 13.34 -3.01
CA THR B 84 -11.83 14.66 -2.40
C THR B 84 -10.61 15.58 -2.42
N LYS B 85 -9.41 15.00 -2.42
CA LYS B 85 -8.18 15.78 -2.44
C LYS B 85 -7.33 15.36 -3.63
N ARG B 86 -6.97 16.32 -4.48
CA ARG B 86 -5.99 16.09 -5.53
C ARG B 86 -4.60 16.33 -4.96
N VAL B 87 -3.84 15.25 -4.75
CA VAL B 87 -2.61 15.34 -3.97
C VAL B 87 -1.43 15.11 -4.88
N THR B 88 -0.45 16.01 -4.82
CA THR B 88 0.81 15.85 -5.54
C THR B 88 1.92 15.68 -4.54
N VAL B 89 2.65 14.57 -4.62
CA VAL B 89 3.80 14.30 -3.70
C VAL B 89 5.10 14.46 -4.45
N THR B 90 5.89 15.46 -4.04
CA THR B 90 7.17 15.73 -4.66
C THR B 90 8.24 15.41 -3.64
N VAL B 91 9.23 14.65 -4.09
CA VAL B 91 10.44 14.40 -3.32
C VAL B 91 11.63 15.02 -4.05
N THR B 92 12.42 15.81 -3.32
CA THR B 92 13.64 16.43 -3.86
C THR B 92 14.80 16.08 -2.93
N GLY B 93 16.03 16.33 -3.37
CA GLY B 93 17.23 16.08 -2.57
C GLY B 93 17.52 14.63 -2.22
N ALA B 94 17.06 13.72 -3.07
CA ALA B 94 17.35 12.30 -2.95
C ALA B 94 18.72 11.96 -3.55
N ALA B 95 19.27 10.82 -3.16
CA ALA B 95 20.58 10.38 -3.67
C ALA B 95 20.54 10.17 -5.20
N THR B 96 19.43 9.63 -5.71
CA THR B 96 19.21 9.40 -7.14
C THR B 96 17.78 9.82 -7.54
N GLU B 97 17.53 9.99 -8.84
CA GLU B 97 16.16 10.22 -9.34
C GLU B 97 15.27 9.04 -8.93
N ASP B 98 15.76 7.81 -9.09
CA ASP B 98 14.97 6.63 -8.74
C ASP B 98 14.64 6.59 -7.25
N ASP B 99 15.60 6.94 -6.39
CA ASP B 99 15.31 7.08 -4.94
C ASP B 99 14.17 8.07 -4.63
N ALA B 100 14.15 9.21 -5.32
CA ALA B 100 13.07 10.18 -5.10
C ALA B 100 11.73 9.62 -5.49
N LEU B 101 11.71 8.84 -6.58
CA LEU B 101 10.47 8.27 -7.07
C LEU B 101 9.97 7.19 -6.12
N VAL B 102 10.89 6.34 -5.65
CA VAL B 102 10.56 5.32 -4.65
C VAL B 102 10.00 5.96 -3.36
N ALA B 103 10.64 7.04 -2.90
CA ALA B 103 10.17 7.85 -1.77
C ALA B 103 8.74 8.42 -1.93
N ALA B 104 8.55 9.08 -3.08
CA ALA B 104 7.31 9.73 -3.41
C ALA B 104 6.18 8.69 -3.46
N ARG B 105 6.46 7.54 -4.05
CA ARG B 105 5.47 6.48 -4.15
C ARG B 105 5.14 5.87 -2.79
N GLN B 106 6.16 5.65 -1.93
CA GLN B 106 5.94 5.16 -0.56
C GLN B 106 4.98 6.07 0.21
N ILE B 107 5.16 7.39 0.09
CA ILE B 107 4.26 8.35 0.75
C ILE B 107 2.86 8.30 0.15
N ALA B 108 2.80 8.32 -1.18
CA ALA B 108 1.53 8.41 -1.87
C ALA B 108 0.60 7.23 -1.59
N ARG B 109 1.21 6.07 -1.40
CA ARG B 109 0.42 4.84 -1.20
C ARG B 109 0.04 4.59 0.26
N ASP B 110 0.63 5.34 1.17
CA ASP B 110 0.46 5.03 2.61
C ASP B 110 -0.95 5.33 3.02
N SER B 111 -1.59 4.31 3.61
CA SER B 111 -3.00 4.45 3.98
C SER B 111 -3.22 5.53 5.08
N LEU B 112 -2.26 5.67 5.99
CA LEU B 112 -2.39 6.69 7.05
C LEU B 112 -2.18 8.09 6.51
N VAL B 113 -1.23 8.25 5.57
CA VAL B 113 -1.08 9.54 4.88
C VAL B 113 -2.41 9.85 4.17
N LYS B 114 -2.93 8.88 3.43
CA LYS B 114 -4.09 9.16 2.60
C LYS B 114 -5.35 9.46 3.41
N THR B 115 -5.50 8.80 4.56
CA THR B 115 -6.68 9.04 5.39
C THR B 115 -6.52 10.37 6.14
N ALA B 116 -5.29 10.73 6.50
CA ALA B 116 -5.05 12.06 7.12
C ALA B 116 -5.46 13.17 6.16
N LEU B 117 -5.05 13.04 4.90
CA LEU B 117 -5.45 14.01 3.89
C LEU B 117 -6.99 14.08 3.64
N PHE B 118 -7.67 12.95 3.70
CA PHE B 118 -9.13 12.95 3.57
C PHE B 118 -9.76 13.81 4.67
N GLY B 119 -9.15 13.72 5.87
CA GLY B 119 -9.57 14.49 7.03
C GLY B 119 -9.10 15.94 7.07
N SER B 120 -8.37 16.36 6.03
CA SER B 120 -7.72 17.67 5.96
C SER B 120 -6.75 17.91 7.14
N ASP B 121 -6.12 16.83 7.61
CA ASP B 121 -5.34 16.90 8.83
C ASP B 121 -3.83 16.94 8.51
N PRO B 122 -3.11 17.99 8.92
CA PRO B 122 -1.68 18.03 8.57
C PRO B 122 -0.84 17.16 9.52
N ASN B 123 -1.11 15.85 9.49
CA ASN B 123 -0.46 14.90 10.35
C ASN B 123 0.87 14.50 9.71
N TRP B 124 1.82 15.44 9.69
CA TRP B 124 3.12 15.31 9.04
C TRP B 124 3.97 14.12 9.55
N GLY B 125 3.75 13.71 10.80
CA GLY B 125 4.46 12.54 11.34
C GLY B 125 4.21 11.29 10.51
N ARG B 126 3.03 11.24 9.88
CA ARG B 126 2.66 10.06 9.11
C ARG B 126 3.47 10.02 7.83
N VAL B 127 3.79 11.21 7.32
CA VAL B 127 4.63 11.31 6.13
C VAL B 127 6.05 10.87 6.45
N LEU B 128 6.58 11.26 7.62
CA LEU B 128 7.92 10.84 8.02
C LEU B 128 8.01 9.33 8.24
N ALA B 129 6.97 8.77 8.89
CA ALA B 129 6.95 7.34 9.15
C ALA B 129 6.94 6.56 7.84
N ALA B 130 6.16 7.05 6.86
CA ALA B 130 6.03 6.40 5.56
C ALA B 130 7.34 6.46 4.84
N VAL B 131 7.92 7.65 4.74
CA VAL B 131 9.14 7.80 3.96
C VAL B 131 10.32 7.02 4.56
N GLY B 132 10.34 6.84 5.88
CA GLY B 132 11.42 6.08 6.52
C GLY B 132 11.41 4.60 6.12
N MET B 133 10.33 4.13 5.49
CA MET B 133 10.28 2.72 5.04
C MET B 133 10.75 2.55 3.58
N ALA B 134 10.97 3.65 2.89
CA ALA B 134 11.45 3.56 1.51
C ALA B 134 12.85 2.97 1.47
N PRO B 135 13.09 1.99 0.58
CA PRO B 135 14.42 1.32 0.52
C PRO B 135 15.43 2.19 -0.23
N ILE B 136 15.73 3.34 0.38
CA ILE B 136 16.57 4.39 -0.23
C ILE B 136 17.56 4.93 0.81
N THR B 137 18.56 5.69 0.35
CA THR B 137 19.48 6.42 1.19
C THR B 137 18.73 7.56 1.85
N LEU B 138 18.78 7.59 3.17
CA LEU B 138 18.02 8.55 3.94
C LEU B 138 18.78 8.92 5.21
N ASP B 139 18.70 10.19 5.56
CA ASP B 139 19.23 10.67 6.84
C ASP B 139 18.06 11.36 7.56
N PRO B 140 17.52 10.74 8.62
CA PRO B 140 16.29 11.27 9.27
C PRO B 140 16.48 12.68 9.85
N ASP B 141 17.72 13.09 10.08
CA ASP B 141 17.96 14.43 10.62
C ASP B 141 17.99 15.53 9.57
N ARG B 142 17.79 15.20 8.29
CA ARG B 142 17.91 16.19 7.24
C ARG B 142 16.62 16.26 6.43
N ILE B 143 15.57 15.62 6.92
CA ILE B 143 14.31 15.64 6.19
C ILE B 143 13.54 16.91 6.48
N SER B 144 13.13 17.60 5.41
CA SER B 144 12.27 18.76 5.53
C SER B 144 11.03 18.52 4.70
N VAL B 145 9.91 19.04 5.18
CA VAL B 145 8.61 18.83 4.53
C VAL B 145 7.79 20.11 4.58
N SER B 146 7.15 20.42 3.45
CA SER B 146 6.16 21.50 3.37
C SER B 146 4.83 20.95 2.85
N PHE B 147 3.72 21.50 3.35
CA PHE B 147 2.37 21.17 2.87
C PHE B 147 1.79 22.47 2.31
N ASN B 148 1.36 22.47 1.06
CA ASN B 148 0.88 23.70 0.41
C ASN B 148 1.81 24.91 0.63
N GLY B 149 3.12 24.65 0.61
CA GLY B 149 4.12 25.70 0.73
C GLY B 149 4.52 26.09 2.14
N ALA B 150 3.76 25.62 3.14
CA ALA B 150 4.03 25.91 4.54
C ALA B 150 4.87 24.80 5.21
N ALA B 151 5.91 25.18 5.96
CA ALA B 151 6.79 24.19 6.59
C ALA B 151 6.07 23.42 7.67
N VAL B 152 6.20 22.10 7.66
CA VAL B 152 5.63 21.27 8.72
C VAL B 152 6.73 20.49 9.43
N CYS B 153 7.82 20.20 8.70
CA CYS B 153 8.97 19.48 9.20
C CYS B 153 10.28 20.18 8.83
N VAL B 154 11.15 20.39 9.81
CA VAL B 154 12.44 20.98 9.53
C VAL B 154 13.51 20.12 10.16
N HIS B 155 14.50 19.72 9.35
CA HIS B 155 15.61 18.88 9.79
C HIS B 155 15.17 17.76 10.74
N GLY B 156 14.09 17.09 10.32
CA GLY B 156 13.53 15.95 11.02
C GLY B 156 12.68 16.18 12.27
N VAL B 157 12.46 17.43 12.65
CA VAL B 157 11.53 17.76 13.74
C VAL B 157 10.41 18.68 13.28
N GLY B 158 9.44 18.92 14.17
CA GLY B 158 8.29 19.73 13.81
C GLY B 158 8.65 21.21 13.62
N ALA B 159 8.03 21.80 12.60
CA ALA B 159 8.07 23.27 12.43
C ALA B 159 7.10 23.93 13.40
N PRO B 160 7.50 25.06 14.01
CA PRO B 160 6.45 25.82 14.70
C PRO B 160 5.27 26.13 13.78
N GLY B 161 4.05 25.89 14.27
CA GLY B 161 2.83 26.22 13.52
C GLY B 161 2.31 25.07 12.66
N ALA B 162 3.07 23.99 12.57
CA ALA B 162 2.78 22.87 11.67
C ALA B 162 1.33 22.36 11.80
N ARG B 163 0.86 22.23 13.04
CA ARG B 163 -0.44 21.62 13.28
C ARG B 163 -1.64 22.53 12.96
N GLU B 164 -1.36 23.79 12.63
CA GLU B 164 -2.38 24.76 12.21
C GLU B 164 -2.39 24.98 10.69
N VAL B 165 -1.59 24.23 9.95
CA VAL B 165 -1.58 24.36 8.47
C VAL B 165 -2.95 23.96 7.90
N ASP B 166 -3.49 24.83 7.03
CA ASP B 166 -4.85 24.67 6.51
C ASP B 166 -4.84 23.81 5.24
N LEU B 167 -5.44 22.63 5.32
CA LEU B 167 -5.55 21.70 4.18
C LEU B 167 -7.00 21.52 3.72
N SER B 168 -7.85 22.51 4.01
CA SER B 168 -9.27 22.42 3.72
C SER B 168 -9.57 22.40 2.22
N ASP B 169 -8.75 23.10 1.44
CA ASP B 169 -8.88 23.11 -0.02
C ASP B 169 -8.66 21.70 -0.65
N ALA B 170 -9.13 21.52 -1.88
CA ALA B 170 -9.05 20.22 -2.56
C ALA B 170 -7.64 19.86 -3.04
N ASP B 171 -6.91 20.86 -3.52
CA ASP B 171 -5.53 20.63 -3.95
C ASP B 171 -4.57 20.63 -2.76
N ILE B 172 -3.75 19.59 -2.66
CA ILE B 172 -2.69 19.51 -1.65
C ILE B 172 -1.35 19.17 -2.31
N ASP B 173 -0.33 19.99 -2.06
CA ASP B 173 1.02 19.61 -2.48
C ASP B 173 1.87 19.30 -1.27
N ILE B 174 2.48 18.13 -1.31
CA ILE B 174 3.45 17.73 -0.30
C ILE B 174 4.82 17.78 -0.98
N THR B 175 5.76 18.54 -0.42
CA THR B 175 7.14 18.52 -0.89
C THR B 175 7.99 18.05 0.25
N VAL B 176 8.75 17.00 -0.02
CA VAL B 176 9.68 16.41 0.95
C VAL B 176 11.08 16.52 0.41
N ASP B 177 11.95 17.15 1.19
CA ASP B 177 13.33 17.24 0.80
C ASP B 177 14.22 16.36 1.70
N LEU B 178 15.07 15.56 1.07
CA LEU B 178 15.85 14.56 1.81
C LEU B 178 17.29 14.98 2.14
N GLY B 179 17.72 16.11 1.61
CA GLY B 179 19.06 16.66 1.91
C GLY B 179 20.25 15.74 1.67
N VAL B 180 20.12 14.77 0.75
CA VAL B 180 21.18 13.80 0.48
C VAL B 180 21.61 13.70 -1.00
N GLY B 181 21.26 14.71 -1.77
CA GLY B 181 21.57 14.75 -3.20
C GLY B 181 20.66 15.72 -3.93
N ASP B 182 20.41 15.47 -5.21
CA ASP B 182 19.50 16.32 -5.98
C ASP B 182 18.57 15.54 -6.89
N GLY B 183 18.34 14.26 -6.56
CA GLY B 183 17.34 13.46 -7.24
C GLY B 183 15.96 13.98 -6.87
N GLN B 184 15.07 14.11 -7.86
CA GLN B 184 13.71 14.57 -7.63
C GLN B 184 12.70 13.79 -8.45
N ALA B 185 11.44 13.77 -7.99
CA ALA B 185 10.34 13.05 -8.64
C ALA B 185 8.99 13.50 -8.03
N ARG B 186 7.94 13.40 -8.84
CA ARG B 186 6.60 13.82 -8.44
C ARG B 186 5.59 12.72 -8.73
N ILE B 187 4.68 12.46 -7.78
CA ILE B 187 3.61 11.48 -7.99
C ILE B 187 2.26 12.20 -7.88
N ARG B 188 1.36 11.95 -8.82
CA ARG B 188 -0.03 12.35 -8.62
C ARG B 188 -0.81 11.26 -7.92
N THR B 189 -1.39 11.60 -6.76
CA THR B 189 -2.26 10.70 -6.02
C THR B 189 -3.56 11.37 -5.57
N THR B 190 -4.31 10.65 -4.72
CA THR B 190 -5.55 11.17 -4.13
C THR B 190 -5.62 10.69 -2.71
N ASP B 191 -6.64 11.16 -1.98
CA ASP B 191 -6.83 10.73 -0.61
C ASP B 191 -7.54 9.37 -0.57
N LEU B 192 -7.66 8.80 0.64
CA LEU B 192 -8.49 7.62 0.86
C LEU B 192 -9.75 8.01 1.65
N SER B 193 -10.87 8.07 0.93
CA SER B 193 -12.15 8.59 1.41
C SER B 193 -13.20 7.53 1.72
N HIS B 194 -14.26 7.89 2.44
CA HIS B 194 -15.40 6.98 2.60
C HIS B 194 -16.01 6.58 1.25
N ALA B 195 -16.05 7.52 0.32
CA ALA B 195 -16.55 7.29 -1.04
C ALA B 195 -15.75 6.19 -1.76
N TYR B 196 -14.43 6.18 -1.56
CA TYR B 196 -13.59 5.16 -2.19
C TYR B 196 -13.96 3.79 -1.64
N VAL B 197 -14.13 3.72 -0.32
CA VAL B 197 -14.44 2.47 0.34
C VAL B 197 -15.82 1.97 -0.07
N GLU B 198 -16.80 2.88 -0.08
CA GLU B 198 -18.14 2.52 -0.48
C GLU B 198 -18.16 1.99 -1.90
N GLU B 199 -17.48 2.69 -2.82
CA GLU B 199 -17.49 2.28 -4.22
C GLU B 199 -16.89 0.88 -4.41
N ASN B 200 -15.84 0.60 -3.66
CA ASN B 200 -15.08 -0.63 -3.83
C ASN B 200 -15.46 -1.80 -2.94
N SER B 201 -16.49 -1.60 -2.11
CA SER B 201 -17.00 -2.66 -1.22
C SER B 201 -18.45 -3.08 -1.48
N ALA B 202 -19.13 -2.36 -2.38
CA ALA B 202 -20.56 -2.62 -2.67
C ALA B 202 -20.79 -4.01 -3.27
N THR C 7 -0.12 -30.65 29.96
CA THR C 7 0.54 -30.07 31.16
C THR C 7 0.98 -28.61 30.89
N THR C 8 1.56 -28.34 29.73
CA THR C 8 1.80 -26.93 29.31
C THR C 8 0.45 -26.23 29.04
N ARG C 9 0.30 -25.00 29.53
CA ARG C 9 -0.95 -24.25 29.38
C ARG C 9 -0.59 -22.89 28.77
N LEU C 10 -1.20 -22.57 27.64
CA LEU C 10 -1.14 -21.19 27.09
C LEU C 10 -2.47 -20.49 27.43
N LEU C 11 -2.40 -19.45 28.24
CA LEU C 11 -3.61 -18.80 28.79
C LEU C 11 -3.60 -17.31 28.57
N ARG C 12 -4.70 -16.81 28.04
CA ARG C 12 -4.96 -15.37 27.97
C ARG C 12 -5.33 -14.86 29.37
N ALA C 13 -5.51 -13.54 29.49
CA ALA C 13 -5.82 -12.88 30.77
C ALA C 13 -4.71 -13.04 31.82
N GLN C 14 -3.50 -13.33 31.37
CA GLN C 14 -2.31 -13.29 32.23
C GLN C 14 -1.19 -12.68 31.42
N GLY C 15 -0.25 -11.98 32.06
CA GLY C 15 0.77 -11.22 31.31
C GLY C 15 2.18 -11.22 31.90
N VAL C 16 2.75 -10.03 31.98
CA VAL C 16 4.16 -9.86 32.32
C VAL C 16 4.52 -10.27 33.73
N THR C 17 3.54 -10.23 34.63
CA THR C 17 3.78 -10.70 36.01
C THR C 17 3.39 -12.15 36.25
N ALA C 18 2.96 -12.90 35.23
CA ALA C 18 2.80 -14.36 35.41
C ALA C 18 4.09 -15.11 35.85
N PRO C 19 5.24 -14.87 35.16
CA PRO C 19 6.45 -15.53 35.68
C PRO C 19 6.90 -14.96 36.98
N ALA C 20 7.58 -15.78 37.79
CA ALA C 20 8.25 -15.26 38.96
C ALA C 20 9.37 -14.22 38.66
N GLY C 21 9.51 -13.25 39.57
CA GLY C 21 10.63 -12.33 39.56
C GLY C 21 10.31 -11.04 38.84
N PHE C 22 9.01 -10.81 38.57
CA PHE C 22 8.58 -9.55 37.89
C PHE C 22 7.51 -8.79 38.63
N ARG C 23 7.65 -7.46 38.70
CA ARG C 23 6.59 -6.59 39.16
C ARG C 23 6.19 -5.67 38.03
N ALA C 24 4.96 -5.20 38.07
CA ALA C 24 4.44 -4.24 37.09
C ALA C 24 3.36 -3.38 37.67
N ALA C 25 3.16 -2.22 37.05
CA ALA C 25 2.01 -1.37 37.35
C ALA C 25 1.73 -0.47 36.17
N GLY C 26 0.57 0.19 36.21
CA GLY C 26 0.21 1.25 35.26
C GLY C 26 -0.46 2.35 36.04
N VAL C 27 -0.16 3.60 35.69
CA VAL C 27 -0.79 4.75 36.34
C VAL C 27 -1.25 5.75 35.29
N ALA C 28 -2.19 6.62 35.69
CA ALA C 28 -2.57 7.78 34.88
C ALA C 28 -1.68 8.97 35.31
N ALA C 29 -0.82 9.44 34.40
CA ALA C 29 0.13 10.50 34.70
C ALA C 29 -0.29 11.83 34.07
N GLY C 30 -1.41 11.81 33.35
CA GLY C 30 -1.96 13.02 32.75
C GLY C 30 -1.32 13.39 31.42
N ILE C 31 -0.54 12.45 30.88
CA ILE C 31 -0.05 12.55 29.52
C ILE C 31 -1.25 12.56 28.58
N LYS C 32 -2.22 11.68 28.82
CA LYS C 32 -3.42 11.67 28.00
C LYS C 32 -4.41 12.67 28.57
N ALA C 33 -5.02 13.46 27.69
CA ALA C 33 -5.97 14.48 28.12
C ALA C 33 -7.15 13.80 28.80
N SER C 34 -7.48 12.61 28.31
CA SER C 34 -8.63 11.82 28.81
C SER C 34 -8.55 11.39 30.29
N GLY C 35 -7.34 11.37 30.86
CA GLY C 35 -7.13 10.87 32.21
C GLY C 35 -6.92 9.36 32.34
N ALA C 36 -6.83 8.66 31.21
CA ALA C 36 -6.69 7.20 31.19
C ALA C 36 -5.29 6.82 31.60
N LEU C 37 -5.09 5.55 31.96
CA LEU C 37 -3.75 5.05 32.29
C LEU C 37 -2.85 5.26 31.08
N ASP C 38 -1.61 5.67 31.33
CA ASP C 38 -0.74 6.05 30.22
C ASP C 38 0.73 5.83 30.48
N LEU C 39 1.06 5.29 31.65
CA LEU C 39 2.45 5.03 32.00
C LEU C 39 2.60 3.63 32.63
N ALA C 40 3.39 2.77 32.02
CA ALA C 40 3.57 1.40 32.51
C ALA C 40 5.01 1.19 32.94
N LEU C 41 5.20 0.35 33.95
CA LEU C 41 6.52 -0.06 34.39
C LEU C 41 6.57 -1.57 34.55
N VAL C 42 7.62 -2.18 34.04
CA VAL C 42 7.87 -3.60 34.23
C VAL C 42 9.24 -3.70 34.86
N PHE C 43 9.32 -4.43 35.98
CA PHE C 43 10.51 -4.48 36.80
C PHE C 43 10.94 -5.93 37.05
N ASN C 44 12.22 -6.20 36.77
CA ASN C 44 12.80 -7.52 37.02
C ASN C 44 13.45 -7.51 38.42
N GLU C 45 13.03 -8.45 39.24
CA GLU C 45 13.46 -8.53 40.63
C GLU C 45 14.73 -9.35 40.75
N GLY C 46 15.14 -9.99 39.65
CA GLY C 46 16.31 -10.85 39.67
C GLY C 46 15.89 -12.27 40.01
N PRO C 47 16.87 -13.16 40.21
CA PRO C 47 18.30 -12.91 40.38
C PRO C 47 19.13 -12.58 39.14
N ASP C 48 18.61 -12.90 37.96
CA ASP C 48 19.27 -12.68 36.68
C ASP C 48 18.61 -11.48 35.98
N TYR C 49 19.32 -10.85 35.05
CA TYR C 49 18.87 -9.62 34.34
C TYR C 49 19.05 -9.66 32.82
N ALA C 50 19.17 -10.87 32.30
CA ALA C 50 19.32 -11.09 30.86
C ALA C 50 18.18 -10.44 30.08
N ALA C 51 18.54 -9.87 28.94
CA ALA C 51 17.57 -9.21 28.07
C ALA C 51 17.96 -9.31 26.60
N ALA C 52 16.97 -9.34 25.72
CA ALA C 52 17.18 -9.18 24.30
C ALA C 52 16.06 -8.30 23.77
N GLY C 53 16.31 -7.73 22.61
CA GLY C 53 15.38 -6.81 21.98
C GLY C 53 15.52 -6.70 20.49
N VAL C 54 14.39 -6.47 19.85
CA VAL C 54 14.36 -6.16 18.42
C VAL C 54 13.51 -4.91 18.20
N PHE C 55 13.81 -4.19 17.12
CA PHE C 55 13.28 -2.83 16.95
C PHE C 55 12.89 -2.59 15.53
N THR C 56 12.05 -1.59 15.33
CA THR C 56 11.68 -1.22 13.97
C THR C 56 12.90 -1.01 13.04
N ARG C 57 12.72 -1.49 11.81
CA ARG C 57 13.67 -1.27 10.72
C ARG C 57 13.37 0.03 9.97
N ASN C 58 12.33 0.77 10.38
CA ASN C 58 12.11 2.14 9.89
C ASN C 58 13.35 2.99 10.05
N GLN C 59 13.78 3.68 8.98
CA GLN C 59 14.98 4.50 9.09
C GLN C 59 14.77 5.74 9.94
N VAL C 60 13.50 6.14 10.10
CA VAL C 60 13.07 7.14 11.09
C VAL C 60 12.75 6.41 12.39
N LYS C 61 13.64 6.51 13.37
CA LYS C 61 13.40 5.85 14.65
C LYS C 61 13.19 6.89 15.75
N ALA C 62 12.18 6.65 16.59
CA ALA C 62 11.98 7.52 17.75
C ALA C 62 13.12 7.48 18.77
N ALA C 63 13.33 8.63 19.41
CA ALA C 63 14.14 8.72 20.64
C ALA C 63 14.15 7.46 21.53
N PRO C 64 12.95 6.98 21.98
CA PRO C 64 13.05 5.80 22.86
C PRO C 64 13.64 4.53 22.19
N VAL C 65 13.37 4.32 20.91
CA VAL C 65 14.06 3.23 20.15
C VAL C 65 15.57 3.41 20.11
N LEU C 66 16.03 4.63 19.82
CA LEU C 66 17.47 4.86 19.73
C LEU C 66 18.11 4.61 21.08
N TRP C 67 17.42 5.05 22.14
CA TRP C 67 17.94 4.87 23.51
C TRP C 67 18.03 3.37 23.79
N THR C 68 16.92 2.67 23.59
CA THR C 68 16.84 1.29 23.99
C THR C 68 17.74 0.38 23.14
N GLN C 69 17.86 0.68 21.85
CA GLN C 69 18.87 -0.02 21.04
C GLN C 69 20.28 0.03 21.61
N GLN C 70 20.66 1.21 22.11
CA GLN C 70 21.96 1.37 22.77
C GLN C 70 22.05 0.54 24.06
N VAL C 71 21.05 0.67 24.92
CA VAL C 71 21.03 -0.05 26.20
C VAL C 71 21.09 -1.59 26.03
N LEU C 72 20.37 -2.12 25.02
CA LEU C 72 20.34 -3.58 24.82
C LEU C 72 21.67 -4.24 24.42
N THR C 73 22.65 -3.43 23.98
CA THR C 73 23.95 -3.95 23.61
C THR C 73 24.64 -4.60 24.79
N THR C 74 24.19 -4.25 26.00
CA THR C 74 24.71 -4.82 27.26
C THR C 74 24.11 -6.19 27.57
N GLY C 75 22.95 -6.48 26.99
CA GLY C 75 22.24 -7.74 27.27
C GLY C 75 21.66 -7.78 28.68
N ARG C 76 21.49 -6.61 29.31
CA ARG C 76 21.03 -6.54 30.69
C ARG C 76 19.90 -5.49 30.89
N LEU C 77 18.81 -5.89 31.50
CA LEU C 77 17.81 -4.91 31.88
C LEU C 77 17.29 -5.13 33.29
N ARG C 78 17.13 -4.01 34.00
CA ARG C 78 16.41 -4.03 35.26
C ARG C 78 14.92 -3.68 35.09
N ALA C 79 14.60 -2.81 34.14
CA ALA C 79 13.23 -2.26 34.06
C ALA C 79 12.91 -1.83 32.65
N VAL C 80 11.62 -1.77 32.33
CA VAL C 80 11.14 -1.14 31.08
C VAL C 80 10.12 -0.13 31.52
N ILE C 81 10.29 1.12 31.09
CA ILE C 81 9.27 2.13 31.31
C ILE C 81 8.65 2.46 29.96
N LEU C 82 7.31 2.42 29.89
CA LEU C 82 6.58 2.64 28.62
C LEU C 82 5.49 3.69 28.79
N ASN C 83 5.39 4.63 27.85
CA ASN C 83 4.27 5.55 27.89
C ASN C 83 3.39 5.50 26.66
N SER C 84 2.11 5.76 26.85
CA SER C 84 1.24 6.08 25.71
C SER C 84 1.01 7.59 25.75
N GLY C 85 0.17 8.09 24.85
CA GLY C 85 -0.06 9.54 24.81
C GLY C 85 1.06 10.35 24.17
N GLY C 86 2.00 9.68 23.53
CA GLY C 86 2.99 10.37 22.71
C GLY C 86 4.17 9.50 22.35
N ALA C 87 4.51 9.49 21.07
CA ALA C 87 5.60 8.67 20.57
C ALA C 87 7.02 9.18 20.88
N ASN C 88 7.16 10.46 21.26
CA ASN C 88 8.49 11.09 21.31
C ASN C 88 9.35 10.74 20.09
N ALA C 89 8.73 10.92 18.91
CA ALA C 89 9.31 10.56 17.64
C ALA C 89 9.47 11.85 16.82
N CYS C 90 10.55 11.93 16.03
CA CYS C 90 10.87 13.17 15.25
C CYS C 90 10.92 14.38 16.17
N THR C 91 11.60 14.19 17.28
CA THR C 91 11.76 15.22 18.30
C THR C 91 13.23 15.60 18.52
N GLY C 92 14.14 15.00 17.74
CA GLY C 92 15.52 15.50 17.65
C GLY C 92 16.33 15.31 18.94
N PRO C 93 17.42 16.08 19.09
CA PRO C 93 18.26 15.81 20.28
C PRO C 93 17.53 16.07 21.60
N ALA C 94 16.65 17.07 21.60
CA ALA C 94 15.89 17.40 22.80
C ALA C 94 14.96 16.25 23.21
N GLY C 95 14.32 15.63 22.22
CA GLY C 95 13.52 14.42 22.46
C GLY C 95 14.33 13.26 23.04
N PHE C 96 15.54 13.06 22.51
CA PHE C 96 16.46 12.06 23.06
C PHE C 96 16.88 12.42 24.49
N ALA C 97 17.05 13.71 24.79
CA ALA C 97 17.36 14.11 26.17
C ALA C 97 16.24 13.77 27.11
N ASP C 98 15.01 13.91 26.64
CA ASP C 98 13.83 13.56 27.46
C ASP C 98 13.79 12.06 27.74
N THR C 99 14.10 11.27 26.72
CA THR C 99 14.20 9.81 26.90
C THR C 99 15.25 9.45 27.96
N HIS C 100 16.45 10.02 27.83
CA HIS C 100 17.51 9.81 28.81
C HIS C 100 17.00 10.24 30.21
N ALA C 101 16.37 11.41 30.28
CA ALA C 101 15.86 11.90 31.57
C ALA C 101 14.85 10.95 32.18
N THR C 102 14.05 10.28 31.36
CA THR C 102 13.03 9.32 31.86
C THR C 102 13.74 8.12 32.46
N ALA C 103 14.71 7.58 31.75
CA ALA C 103 15.46 6.41 32.23
C ALA C 103 16.19 6.76 33.53
N GLU C 104 16.82 7.93 33.57
CA GLU C 104 17.50 8.36 34.82
C GLU C 104 16.51 8.48 35.99
N ALA C 105 15.31 8.99 35.70
CA ALA C 105 14.28 9.17 36.73
C ALA C 105 13.77 7.84 37.25
N VAL C 106 13.62 6.87 36.34
CA VAL C 106 13.21 5.52 36.76
C VAL C 106 14.33 4.90 37.63
N ALA C 107 15.57 5.05 37.20
CA ALA C 107 16.72 4.48 37.94
C ALA C 107 16.85 5.09 39.33
N ALA C 108 16.64 6.40 39.41
CA ALA C 108 16.70 7.12 40.70
C ALA C 108 15.56 6.71 41.65
N ALA C 109 14.36 6.55 41.09
CA ALA C 109 13.18 6.13 41.88
C ALA C 109 13.36 4.71 42.40
N LEU C 110 13.86 3.81 41.54
CA LEU C 110 14.12 2.42 41.96
C LEU C 110 15.23 2.37 43.01
N SER C 111 16.33 3.09 42.75
CA SER C 111 17.44 3.16 43.72
C SER C 111 16.93 3.63 45.09
N ASP C 112 16.11 4.69 45.11
CA ASP C 112 15.56 5.23 46.36
C ASP C 112 14.64 4.22 47.05
N TRP C 113 13.90 3.48 46.23
CA TRP C 113 12.94 2.47 46.66
C TRP C 113 13.66 1.26 47.28
N GLY C 114 14.95 1.12 47.01
CA GLY C 114 15.75 0.04 47.62
C GLY C 114 16.59 -0.84 46.70
N THR C 115 16.49 -0.64 45.40
CA THR C 115 17.25 -1.44 44.44
C THR C 115 18.16 -0.55 43.55
N GLU C 116 19.47 -0.60 43.80
CA GLU C 116 20.42 0.25 43.09
C GLU C 116 20.41 -0.03 41.59
N THR C 117 20.03 0.99 40.82
CA THR C 117 19.81 0.90 39.38
C THR C 117 20.44 2.11 38.72
N GLY C 118 21.07 1.89 37.58
CA GLY C 118 21.55 2.99 36.73
C GLY C 118 20.67 3.14 35.51
N ALA C 119 20.73 4.32 34.90
CA ALA C 119 19.84 4.58 33.75
C ALA C 119 20.02 3.59 32.61
N ILE C 120 21.27 3.12 32.45
CA ILE C 120 21.66 2.20 31.38
C ILE C 120 20.98 0.83 31.55
N GLU C 121 20.37 0.59 32.70
CA GLU C 121 19.63 -0.65 32.96
C GLU C 121 18.10 -0.53 32.71
N VAL C 122 17.66 0.62 32.21
CA VAL C 122 16.25 0.92 32.00
C VAL C 122 15.91 1.12 30.50
N ALA C 123 15.08 0.24 29.94
CA ALA C 123 14.60 0.37 28.57
C ALA C 123 13.47 1.39 28.55
N VAL C 124 13.33 2.12 27.44
CA VAL C 124 12.27 3.11 27.38
C VAL C 124 11.47 2.89 26.11
N CYS C 125 10.14 2.84 26.24
CA CYS C 125 9.30 2.78 25.04
C CYS C 125 8.24 3.85 25.08
N SER C 126 7.87 4.37 23.91
CA SER C 126 6.76 5.30 23.79
C SER C 126 5.85 4.95 22.64
N THR C 127 4.60 5.42 22.72
CA THR C 127 3.64 5.26 21.63
C THR C 127 2.60 6.37 21.60
N GLY C 128 2.22 6.77 20.38
CA GLY C 128 1.19 7.81 20.17
C GLY C 128 1.52 8.74 19.01
N LEU C 129 1.06 9.98 19.10
CA LEU C 129 1.31 10.96 18.02
C LEU C 129 2.81 11.22 17.78
N ILE C 130 3.21 11.26 16.50
CA ILE C 130 4.58 11.55 16.11
C ILE C 130 4.74 13.08 16.00
N GLY C 131 5.83 13.60 16.54
CA GLY C 131 6.21 15.00 16.33
C GLY C 131 6.02 15.93 17.52
N ASP C 132 5.28 15.51 18.54
CA ASP C 132 5.15 16.35 19.76
C ASP C 132 6.17 15.92 20.81
N ARG C 133 6.70 16.87 21.59
CA ARG C 133 7.54 16.47 22.73
C ARG C 133 6.67 16.00 23.91
N LEU C 134 7.25 15.22 24.81
CA LEU C 134 6.53 14.72 26.00
C LEU C 134 6.32 15.79 27.07
N PRO C 135 5.18 15.72 27.81
CA PRO C 135 5.02 16.61 28.99
C PRO C 135 5.83 16.09 30.18
N MET C 136 7.05 16.59 30.33
CA MET C 136 8.03 15.97 31.22
C MET C 136 7.63 16.09 32.69
N ASP C 137 7.02 17.21 33.10
CA ASP C 137 6.60 17.33 34.51
C ASP C 137 5.63 16.22 34.90
N LYS C 138 4.68 15.95 34.00
CA LYS C 138 3.68 14.90 34.21
C LYS C 138 4.31 13.52 34.18
N LEU C 139 5.15 13.28 33.19
CA LEU C 139 5.80 11.97 33.04
C LEU C 139 6.70 11.64 34.26
N LEU C 140 7.46 12.61 34.73
CA LEU C 140 8.43 12.37 35.81
C LEU C 140 7.69 12.17 37.13
N ALA C 141 6.56 12.85 37.31
CA ALA C 141 5.71 12.67 38.48
C ALA C 141 5.10 11.28 38.42
N GLY C 142 4.67 10.89 37.22
CA GLY C 142 4.15 9.55 37.00
C GLY C 142 5.16 8.45 37.32
N VAL C 143 6.43 8.66 36.93
CA VAL C 143 7.54 7.73 37.22
C VAL C 143 7.66 7.41 38.71
N ALA C 144 7.71 8.44 39.53
CA ALA C 144 7.78 8.21 40.96
C ALA C 144 6.57 7.41 41.48
N HIS C 145 5.39 7.77 40.99
CA HIS C 145 4.16 7.12 41.35
C HIS C 145 4.17 5.62 41.00
N VAL C 146 4.56 5.30 39.76
CA VAL C 146 4.45 3.93 39.27
C VAL C 146 5.46 2.99 39.93
N VAL C 147 6.60 3.52 40.37
CA VAL C 147 7.55 2.69 41.10
C VAL C 147 6.94 2.23 42.43
N HIS C 148 6.15 3.10 43.03
CA HIS C 148 5.48 2.79 44.30
C HIS C 148 4.17 2.00 44.15
N GLU C 149 3.70 1.81 42.92
CA GLU C 149 2.54 0.97 42.72
C GLU C 149 2.88 -0.43 42.21
N MET C 150 4.08 -0.63 41.67
CA MET C 150 4.40 -1.93 41.05
C MET C 150 4.32 -3.08 42.03
N HIS C 151 3.90 -4.23 41.53
CA HIS C 151 3.84 -5.44 42.34
C HIS C 151 3.73 -6.67 41.45
N GLY C 152 3.91 -7.80 42.09
CA GLY C 152 3.99 -9.10 41.39
C GLY C 152 2.67 -9.73 41.00
N GLY C 153 1.56 -9.18 41.49
CA GLY C 153 0.21 -9.73 41.23
C GLY C 153 -0.20 -9.58 39.78
N LEU C 154 -1.12 -10.43 39.34
CA LEU C 154 -1.63 -10.37 37.96
C LEU C 154 -2.28 -9.05 37.57
N VAL C 155 -2.92 -8.37 38.51
CA VAL C 155 -3.55 -7.07 38.22
C VAL C 155 -2.46 -6.00 37.91
N GLY C 156 -1.27 -6.13 38.49
CA GLY C 156 -0.15 -5.21 38.18
C GLY C 156 0.18 -5.33 36.69
N GLY C 157 0.29 -6.57 36.22
CA GLY C 157 0.42 -6.85 34.78
C GLY C 157 -0.70 -6.28 33.94
N ASP C 158 -1.93 -6.36 34.47
CA ASP C 158 -3.14 -5.90 33.74
C ASP C 158 -3.01 -4.37 33.55
N GLU C 159 -2.66 -3.70 34.64
CA GLU C 159 -2.60 -2.23 34.60
C GLU C 159 -1.56 -1.78 33.59
N ALA C 160 -0.40 -2.44 33.60
CA ALA C 160 0.67 -2.13 32.63
C ALA C 160 0.17 -2.34 31.19
N ALA C 161 -0.54 -3.44 30.96
CA ALA C 161 -1.14 -3.68 29.64
C ALA C 161 -2.15 -2.65 29.18
N HIS C 162 -2.93 -2.14 30.14
CA HIS C 162 -3.90 -1.09 29.86
C HIS C 162 -3.20 0.24 29.59
N ALA C 163 -2.15 0.53 30.37
CA ALA C 163 -1.44 1.83 30.29
C ALA C 163 -0.70 2.03 28.95
N ILE C 164 -0.33 0.95 28.27
CA ILE C 164 0.35 1.11 26.99
C ILE C 164 -0.60 1.29 25.79
N MET C 165 -1.91 1.16 26.01
CA MET C 165 -2.89 1.28 24.93
C MET C 165 -3.01 2.70 24.36
N THR C 166 -3.28 2.81 23.06
CA THR C 166 -3.54 4.11 22.38
C THR C 166 -4.93 3.98 21.77
N THR C 167 -5.04 3.50 20.54
CA THR C 167 -6.34 3.33 19.88
C THR C 167 -6.92 1.93 20.11
N ASP C 168 -6.18 1.08 20.81
CA ASP C 168 -6.65 -0.25 21.24
C ASP C 168 -7.95 -0.12 22.02
N ASN C 169 -8.87 -1.08 21.84
CA ASN C 169 -10.08 -1.11 22.68
C ASN C 169 -9.96 -2.04 23.88
N VAL C 170 -9.12 -3.07 23.74
CA VAL C 170 -8.87 -4.02 24.78
C VAL C 170 -7.37 -4.26 24.92
N PRO C 171 -6.90 -4.63 26.12
CA PRO C 171 -5.47 -4.90 26.20
C PRO C 171 -5.12 -6.28 25.62
N LYS C 172 -3.84 -6.56 25.42
CA LYS C 172 -3.41 -7.84 24.85
C LYS C 172 -2.39 -8.46 25.80
N GLN C 173 -2.69 -9.65 26.33
CA GLN C 173 -1.86 -10.34 27.32
C GLN C 173 -1.96 -11.83 27.07
N VAL C 174 -0.87 -12.57 27.32
CA VAL C 174 -0.94 -14.03 27.36
C VAL C 174 0.23 -14.57 28.14
N ALA C 175 0.07 -15.76 28.70
CA ALA C 175 1.16 -16.39 29.36
C ALA C 175 1.23 -17.87 29.00
N LEU C 176 2.44 -18.36 28.79
CA LEU C 176 2.65 -19.80 28.59
C LEU C 176 3.25 -20.42 29.87
N HIS C 177 2.53 -21.34 30.50
CA HIS C 177 3.02 -22.08 31.69
C HIS C 177 3.55 -23.43 31.21
N HIS C 178 4.87 -23.62 31.26
CA HIS C 178 5.48 -24.85 30.78
C HIS C 178 5.38 -25.92 31.86
N HIS C 179 5.26 -27.19 31.43
CA HIS C 179 5.09 -28.28 32.38
C HIS C 179 6.29 -28.48 33.27
N ASP C 180 7.44 -27.96 32.84
CA ASP C 180 8.67 -28.00 33.62
C ASP C 180 8.79 -26.88 34.64
N ASN C 181 7.70 -26.14 34.85
CA ASN C 181 7.59 -25.10 35.90
C ASN C 181 8.32 -23.76 35.69
N TRP C 182 8.44 -23.38 34.43
CA TRP C 182 8.85 -22.03 34.09
C TRP C 182 7.76 -21.46 33.19
N THR C 183 7.76 -20.14 33.05
CA THR C 183 6.65 -19.45 32.40
C THR C 183 7.17 -18.31 31.53
N VAL C 184 6.51 -18.06 30.40
CA VAL C 184 6.77 -16.84 29.61
C VAL C 184 5.49 -16.00 29.60
N GLY C 185 5.55 -14.73 30.00
CA GLY C 185 4.37 -13.86 30.01
C GLY C 185 4.59 -12.78 28.95
N GLY C 186 3.52 -12.22 28.44
CA GLY C 186 3.65 -11.15 27.47
C GLY C 186 2.49 -10.18 27.48
N MET C 187 2.79 -8.93 27.17
CA MET C 187 1.74 -7.98 26.82
C MET C 187 2.14 -7.28 25.53
N ALA C 188 1.14 -6.78 24.81
CA ALA C 188 1.39 -6.01 23.56
C ALA C 188 0.27 -4.99 23.37
N LYS C 189 0.53 -4.02 22.50
CA LYS C 189 -0.48 -3.10 22.03
C LYS C 189 -0.19 -2.79 20.56
N GLY C 190 -1.19 -2.24 19.88
CA GLY C 190 -1.02 -1.73 18.53
C GLY C 190 -2.19 -2.13 17.68
N ALA C 191 -2.92 -1.14 17.19
CA ALA C 191 -4.11 -1.40 16.38
C ALA C 191 -4.05 -0.73 15.01
N GLY C 192 -3.07 0.15 14.83
CA GLY C 192 -2.93 0.91 13.59
C GLY C 192 -1.46 1.28 13.46
N MET C 193 -1.07 1.70 12.26
CA MET C 193 0.36 1.81 11.87
C MET C 193 1.05 0.53 12.34
N LEU C 194 0.54 -0.57 11.84
CA LEU C 194 0.81 -1.87 12.41
C LEU C 194 1.19 -2.81 11.28
N ALA C 195 2.48 -2.79 10.95
CA ALA C 195 3.05 -3.70 9.99
C ALA C 195 4.52 -3.86 10.38
N PRO C 196 4.80 -4.54 11.51
CA PRO C 196 6.17 -4.57 12.01
C PRO C 196 7.17 -5.19 11.04
N SER C 197 8.38 -4.64 11.10
CA SER C 197 9.52 -5.16 10.41
C SER C 197 10.65 -4.89 11.37
N LEU C 198 11.08 -5.95 12.06
CA LEU C 198 11.92 -5.89 13.23
C LEU C 198 13.32 -6.48 13.04
N ALA C 199 14.31 -5.84 13.67
CA ALA C 199 15.67 -6.36 13.69
C ALA C 199 16.40 -5.88 14.93
N THR D 1 1.62 1.78 15.94
CA THR D 1 2.80 1.29 16.68
C THR D 1 2.47 0.02 17.42
N MET D 2 3.39 -0.95 17.35
CA MET D 2 3.32 -2.20 18.08
C MET D 2 4.43 -2.23 19.14
N LEU D 3 4.05 -2.27 20.43
CA LEU D 3 5.02 -2.48 21.49
C LEU D 3 4.68 -3.78 22.14
N CYS D 4 5.73 -4.51 22.54
CA CYS D 4 5.50 -5.80 23.20
C CYS D 4 6.60 -6.01 24.22
N VAL D 5 6.20 -6.41 25.42
CA VAL D 5 7.15 -6.78 26.46
C VAL D 5 6.90 -8.24 26.81
N LEU D 6 7.94 -9.07 26.73
CA LEU D 6 7.88 -10.48 27.13
C LEU D 6 8.74 -10.65 28.38
N THR D 7 8.29 -11.50 29.31
CA THR D 7 9.14 -11.82 30.47
C THR D 7 9.20 -13.33 30.69
N THR D 8 10.27 -13.81 31.30
CA THR D 8 10.36 -15.24 31.63
C THR D 8 11.12 -15.43 32.93
N ASP D 9 10.80 -16.52 33.62
CA ASP D 9 11.53 -16.90 34.83
C ASP D 9 12.39 -18.13 34.53
N ALA D 10 12.40 -18.55 33.27
CA ALA D 10 13.38 -19.52 32.80
C ALA D 10 14.79 -18.93 32.93
N ALA D 11 15.77 -19.81 33.26
CA ALA D 11 17.14 -19.36 33.33
C ALA D 11 17.74 -19.43 31.93
N ALA D 12 18.13 -18.27 31.40
CA ALA D 12 18.59 -18.13 30.02
C ALA D 12 19.47 -16.91 29.89
N GLU D 13 20.62 -17.10 29.24
CA GLU D 13 21.56 -16.01 28.97
C GLU D 13 21.01 -15.11 27.86
N PRO D 14 21.57 -13.90 27.69
CA PRO D 14 21.06 -13.03 26.63
C PRO D 14 21.05 -13.68 25.24
N ALA D 15 22.09 -14.44 24.90
CA ALA D 15 22.13 -15.12 23.60
C ALA D 15 20.94 -16.09 23.39
N ALA D 16 20.55 -16.78 24.46
CA ALA D 16 19.40 -17.71 24.42
C ALA D 16 18.12 -16.94 24.20
N LEU D 17 18.02 -15.76 24.83
CA LEU D 17 16.83 -14.91 24.65
C LEU D 17 16.79 -14.30 23.27
N GLU D 18 17.95 -13.88 22.77
CA GLU D 18 18.01 -13.28 21.44
C GLU D 18 17.53 -14.28 20.36
N ARG D 19 17.94 -15.53 20.47
CA ARG D 19 17.53 -16.54 19.48
C ARG D 19 16.01 -16.71 19.52
N ALA D 20 15.49 -16.86 20.72
CA ALA D 20 14.07 -17.13 20.88
C ALA D 20 13.29 -15.96 20.33
N LEU D 21 13.73 -14.75 20.70
CA LEU D 21 13.07 -13.54 20.20
C LEU D 21 13.15 -13.35 18.68
N ARG D 22 14.33 -13.52 18.10
CA ARG D 22 14.48 -13.30 16.67
C ARG D 22 13.70 -14.34 15.87
N ARG D 23 13.73 -15.59 16.33
CA ARG D 23 12.89 -16.60 15.63
C ARG D 23 11.39 -16.26 15.72
N ALA D 24 10.92 -15.90 16.91
CA ALA D 24 9.52 -15.62 17.11
C ALA D 24 9.07 -14.37 16.32
N ALA D 25 9.90 -13.32 16.35
CA ALA D 25 9.54 -12.10 15.64
C ALA D 25 9.47 -12.33 14.14
N ALA D 26 10.35 -13.19 13.61
CA ALA D 26 10.33 -13.46 12.17
C ALA D 26 9.02 -14.15 11.74
N ALA D 27 8.51 -15.02 12.61
CA ALA D 27 7.39 -15.89 12.28
C ALA D 27 6.05 -15.24 12.60
N THR D 28 6.06 -14.23 13.46
CA THR D 28 4.79 -13.70 14.03
C THR D 28 4.59 -12.22 13.71
N PHE D 29 5.20 -11.32 14.50
CA PHE D 29 5.08 -9.87 14.30
C PHE D 29 5.44 -9.42 12.89
N ASP D 30 6.48 -10.02 12.32
CA ASP D 30 6.93 -9.69 10.95
C ASP D 30 5.96 -10.12 9.86
N ARG D 31 4.97 -10.92 10.25
CA ARG D 31 3.95 -11.39 9.33
C ARG D 31 2.56 -10.94 9.73
N LEU D 32 2.50 -9.90 10.58
CA LEU D 32 1.27 -9.23 10.97
C LEU D 32 1.26 -7.92 10.21
N ASP D 33 0.24 -7.72 9.37
CA ASP D 33 0.25 -6.54 8.53
C ASP D 33 -1.17 -6.06 8.43
N ILE D 34 -1.51 -5.06 9.24
CA ILE D 34 -2.89 -4.57 9.28
C ILE D 34 -3.17 -3.51 8.21
N ASP D 35 -2.32 -2.49 8.16
CA ASP D 35 -2.51 -1.36 7.24
C ASP D 35 -1.25 -0.96 6.47
N GLY D 36 -0.25 -1.84 6.52
CA GLY D 36 0.94 -1.74 5.69
C GLY D 36 1.85 -0.57 6.00
N SER D 37 1.64 0.05 7.17
CA SER D 37 2.39 1.25 7.58
C SER D 37 3.22 0.85 8.80
N CYS D 38 4.53 0.81 8.65
CA CYS D 38 5.44 0.40 9.68
C CYS D 38 5.92 1.62 10.51
N SER D 39 5.81 1.50 11.82
CA SER D 39 5.96 2.67 12.68
C SER D 39 7.40 3.03 13.01
N THR D 40 7.56 4.21 13.60
CA THR D 40 8.85 4.71 14.06
C THR D 40 9.25 4.24 15.47
N ASN D 41 8.37 3.51 16.14
CA ASN D 41 8.55 3.16 17.55
C ASN D 41 8.46 1.66 17.89
N ASP D 42 8.18 0.79 16.92
CA ASP D 42 8.03 -0.64 17.26
C ASP D 42 9.21 -1.21 18.00
N THR D 43 8.90 -1.93 19.07
CA THR D 43 9.87 -2.49 19.94
C THR D 43 9.32 -3.80 20.48
N VAL D 44 10.18 -4.82 20.57
CA VAL D 44 9.83 -6.06 21.31
C VAL D 44 11.01 -6.38 22.21
N LEU D 45 10.70 -6.56 23.49
CA LEU D 45 11.70 -6.84 24.49
C LEU D 45 11.41 -8.17 25.18
N LEU D 46 12.47 -8.90 25.53
CA LEU D 46 12.33 -10.15 26.25
C LEU D 46 13.34 -10.18 27.42
N LEU D 47 12.79 -10.26 28.65
CA LEU D 47 13.59 -10.19 29.88
C LEU D 47 13.52 -11.50 30.63
N SER D 48 14.64 -11.87 31.23
CA SER D 48 14.63 -13.08 32.08
C SER D 48 15.07 -12.75 33.51
N SER D 49 14.28 -13.18 34.48
CA SER D 49 14.67 -13.08 35.90
C SER D 49 15.45 -14.31 36.36
N GLY D 50 15.27 -15.42 35.64
CA GLY D 50 15.82 -16.72 36.05
C GLY D 50 15.34 -17.23 37.40
N ALA D 51 14.19 -16.74 37.86
CA ALA D 51 13.66 -17.06 39.20
C ALA D 51 13.20 -18.51 39.40
N SER D 52 13.03 -19.24 38.29
CA SER D 52 12.70 -20.67 38.31
C SER D 52 13.92 -21.57 38.55
N GLU D 53 15.10 -21.08 38.18
CA GLU D 53 16.38 -21.80 38.26
C GLU D 53 16.51 -22.93 37.25
N ILE D 54 15.59 -22.95 36.28
CA ILE D 54 15.53 -24.01 35.29
C ILE D 54 15.98 -23.51 33.97
N PRO D 55 17.09 -24.07 33.43
CA PRO D 55 17.45 -23.76 32.06
C PRO D 55 16.76 -24.70 31.06
N PRO D 56 15.78 -24.17 30.28
CA PRO D 56 15.13 -25.05 29.30
C PRO D 56 16.05 -25.40 28.15
N ALA D 57 15.77 -26.52 27.47
CA ALA D 57 16.35 -26.76 26.18
C ALA D 57 15.94 -25.59 25.29
N GLN D 58 16.90 -25.15 24.48
CA GLN D 58 16.68 -23.97 23.64
C GLN D 58 15.45 -24.10 22.76
N ALA D 59 15.26 -25.30 22.18
CA ALA D 59 14.09 -25.54 21.35
C ALA D 59 12.77 -25.28 22.07
N ASP D 60 12.72 -25.61 23.35
CA ASP D 60 11.52 -25.42 24.18
C ASP D 60 11.31 -23.96 24.54
N LEU D 61 12.42 -23.28 24.84
CA LEU D 61 12.36 -21.84 25.10
C LEU D 61 11.88 -21.15 23.83
N ASP D 62 12.48 -21.47 22.68
CA ASP D 62 12.03 -20.88 21.39
C ASP D 62 10.53 -21.13 21.17
N GLU D 63 10.10 -22.38 21.36
CA GLU D 63 8.66 -22.69 21.14
C GLU D 63 7.73 -21.93 22.07
N ALA D 64 8.13 -21.73 23.31
CA ALA D 64 7.29 -21.01 24.28
C ALA D 64 7.17 -19.54 23.83
N VAL D 65 8.30 -18.93 23.49
CA VAL D 65 8.28 -17.52 23.03
C VAL D 65 7.46 -17.39 21.75
N LEU D 66 7.59 -18.37 20.85
CA LEU D 66 6.79 -18.33 19.62
C LEU D 66 5.28 -18.38 19.94
N ARG D 67 4.86 -19.29 20.81
CA ARG D 67 3.43 -19.45 21.10
C ARG D 67 2.80 -18.20 21.71
N VAL D 68 3.54 -17.56 22.61
CA VAL D 68 3.13 -16.31 23.23
C VAL D 68 3.03 -15.22 22.14
N CYS D 69 4.09 -15.06 21.35
CA CYS D 69 4.05 -14.00 20.34
C CYS D 69 2.96 -14.20 19.30
N ASP D 70 2.72 -15.47 18.94
CA ASP D 70 1.72 -15.76 17.93
C ASP D 70 0.30 -15.48 18.49
N ASP D 71 0.08 -15.81 19.74
CA ASP D 71 -1.20 -15.50 20.35
C ASP D 71 -1.40 -14.00 20.50
N LEU D 72 -0.32 -13.29 20.83
CA LEU D 72 -0.39 -11.80 20.91
C LEU D 72 -0.75 -11.21 19.56
N CYS D 73 -0.16 -11.76 18.50
CA CYS D 73 -0.49 -11.33 17.13
C CYS D 73 -1.95 -11.58 16.80
N ALA D 74 -2.48 -12.72 17.20
CA ALA D 74 -3.91 -12.99 17.05
C ALA D 74 -4.81 -11.93 17.76
N GLN D 75 -4.46 -11.60 18.99
CA GLN D 75 -5.13 -10.58 19.76
C GLN D 75 -5.00 -9.20 19.09
N LEU D 76 -3.80 -8.90 18.58
CA LEU D 76 -3.62 -7.58 17.89
C LEU D 76 -4.52 -7.52 16.66
N GLN D 77 -4.54 -8.58 15.86
CA GLN D 77 -5.40 -8.64 14.68
C GLN D 77 -6.89 -8.48 15.02
N ALA D 78 -7.33 -9.13 16.10
CA ALA D 78 -8.75 -9.12 16.47
C ALA D 78 -9.23 -7.75 16.94
N ASP D 79 -8.30 -6.91 17.40
CA ASP D 79 -8.68 -5.58 17.89
C ASP D 79 -8.19 -4.44 17.02
N ALA D 80 -7.81 -4.77 15.78
CA ALA D 80 -7.27 -3.74 14.87
C ALA D 80 -8.25 -2.60 14.61
N GLU D 81 -7.70 -1.43 14.34
CA GLU D 81 -8.52 -0.27 13.99
C GLU D 81 -9.54 -0.58 12.89
N GLY D 82 -10.81 -0.38 13.22
CA GLY D 82 -11.90 -0.60 12.28
C GLY D 82 -12.11 -2.01 11.77
N VAL D 83 -11.56 -3.02 12.46
CA VAL D 83 -11.65 -4.39 11.99
C VAL D 83 -13.11 -4.88 11.91
N THR D 84 -13.45 -5.46 10.77
CA THR D 84 -14.69 -6.22 10.65
C THR D 84 -14.37 -7.64 10.19
N LYS D 85 -13.26 -7.83 9.47
CA LYS D 85 -12.82 -9.17 9.03
C LYS D 85 -11.44 -9.49 9.54
N ARG D 86 -11.29 -10.69 10.10
CA ARG D 86 -9.97 -11.18 10.51
C ARG D 86 -9.47 -12.08 9.39
N VAL D 87 -8.49 -11.58 8.64
CA VAL D 87 -8.11 -12.18 7.35
C VAL D 87 -6.75 -12.85 7.44
N THR D 88 -6.67 -14.08 6.97
CA THR D 88 -5.35 -14.70 6.83
C THR D 88 -5.11 -14.96 5.34
N VAL D 89 -3.97 -14.49 4.85
CA VAL D 89 -3.57 -14.71 3.45
C VAL D 89 -2.44 -15.72 3.47
N THR D 90 -2.75 -16.93 3.00
CA THR D 90 -1.77 -18.00 2.88
C THR D 90 -1.34 -18.17 1.42
N VAL D 91 -0.04 -18.09 1.14
CA VAL D 91 0.48 -18.41 -0.20
C VAL D 91 1.27 -19.72 -0.11
N THR D 92 0.91 -20.69 -0.94
CA THR D 92 1.63 -21.96 -1.03
C THR D 92 2.07 -22.15 -2.47
N GLY D 93 2.99 -23.09 -2.71
CA GLY D 93 3.45 -23.41 -4.07
C GLY D 93 4.35 -22.35 -4.69
N ALA D 94 5.05 -21.58 -3.88
CA ALA D 94 5.97 -20.57 -4.40
C ALA D 94 7.35 -21.18 -4.61
N ALA D 95 8.17 -20.53 -5.44
CA ALA D 95 9.57 -20.94 -5.68
C ALA D 95 10.39 -21.03 -4.40
N THR D 96 10.18 -20.06 -3.51
CA THR D 96 10.87 -20.00 -2.22
C THR D 96 9.90 -19.52 -1.13
N GLU D 97 10.24 -19.81 0.12
CA GLU D 97 9.50 -19.24 1.26
C GLU D 97 9.42 -17.72 1.20
N ASP D 98 10.50 -17.05 0.80
CA ASP D 98 10.45 -15.60 0.75
C ASP D 98 9.51 -15.09 -0.33
N ASP D 99 9.47 -15.80 -1.46
CA ASP D 99 8.54 -15.49 -2.54
C ASP D 99 7.10 -15.58 -2.04
N ALA D 100 6.81 -16.61 -1.26
CA ALA D 100 5.46 -16.79 -0.74
C ALA D 100 5.08 -15.63 0.18
N LEU D 101 6.00 -15.24 1.06
CA LEU D 101 5.77 -14.11 1.96
C LEU D 101 5.53 -12.80 1.20
N VAL D 102 6.38 -12.53 0.21
CA VAL D 102 6.21 -11.36 -0.68
C VAL D 102 4.85 -11.36 -1.37
N ALA D 103 4.46 -12.50 -1.98
CA ALA D 103 3.13 -12.65 -2.58
C ALA D 103 2.00 -12.39 -1.58
N ALA D 104 2.10 -13.00 -0.40
CA ALA D 104 1.06 -12.84 0.63
C ALA D 104 0.90 -11.40 1.10
N ARG D 105 2.02 -10.72 1.26
CA ARG D 105 1.96 -9.32 1.68
C ARG D 105 1.38 -8.45 0.59
N GLN D 106 1.74 -8.74 -0.66
CA GLN D 106 1.23 -7.96 -1.79
C GLN D 106 -0.32 -8.01 -1.82
N ILE D 107 -0.85 -9.21 -1.61
CA ILE D 107 -2.26 -9.43 -1.55
C ILE D 107 -2.87 -8.73 -0.32
N ALA D 108 -2.27 -8.95 0.83
CA ALA D 108 -2.79 -8.42 2.11
C ALA D 108 -2.84 -6.89 2.15
N ARG D 109 -1.90 -6.24 1.48
CA ARG D 109 -1.84 -4.78 1.51
C ARG D 109 -2.72 -4.13 0.49
N ASP D 110 -3.15 -4.90 -0.50
CA ASP D 110 -3.84 -4.30 -1.65
C ASP D 110 -5.19 -3.66 -1.31
N SER D 111 -5.39 -2.40 -1.70
CA SER D 111 -6.60 -1.69 -1.24
C SER D 111 -7.90 -2.23 -1.83
N LEU D 112 -7.83 -2.77 -3.03
CA LEU D 112 -9.03 -3.35 -3.62
C LEU D 112 -9.36 -4.74 -3.03
N VAL D 113 -8.35 -5.52 -2.66
CA VAL D 113 -8.60 -6.78 -1.95
C VAL D 113 -9.24 -6.46 -0.58
N LYS D 114 -8.64 -5.53 0.16
CA LYS D 114 -9.13 -5.17 1.49
C LYS D 114 -10.56 -4.63 1.49
N THR D 115 -10.92 -3.84 0.48
CA THR D 115 -12.30 -3.32 0.39
C THR D 115 -13.34 -4.37 -0.05
N ALA D 116 -12.95 -5.24 -0.99
CA ALA D 116 -13.74 -6.40 -1.38
C ALA D 116 -14.05 -7.22 -0.14
N LEU D 117 -13.02 -7.47 0.66
CA LEU D 117 -13.19 -8.18 1.94
C LEU D 117 -14.18 -7.50 2.91
N PHE D 118 -14.05 -6.19 3.09
CA PHE D 118 -15.02 -5.39 3.88
C PHE D 118 -16.44 -5.58 3.36
N GLY D 119 -16.58 -5.66 2.04
CA GLY D 119 -17.85 -5.97 1.40
C GLY D 119 -18.29 -7.44 1.40
N SER D 120 -17.51 -8.32 2.05
CA SER D 120 -17.80 -9.77 2.08
C SER D 120 -17.80 -10.41 0.67
N ASP D 121 -16.95 -9.90 -0.23
CA ASP D 121 -16.93 -10.33 -1.64
C ASP D 121 -15.68 -11.21 -1.92
N PRO D 122 -15.90 -12.50 -2.28
CA PRO D 122 -14.82 -13.45 -2.67
C PRO D 122 -14.23 -13.11 -4.04
N ASN D 123 -13.63 -11.93 -4.14
CA ASN D 123 -13.21 -11.36 -5.42
C ASN D 123 -11.83 -11.86 -5.79
N TRP D 124 -11.77 -13.01 -6.48
CA TRP D 124 -10.49 -13.60 -6.84
C TRP D 124 -9.76 -12.79 -7.92
N GLY D 125 -10.53 -12.09 -8.75
CA GLY D 125 -9.93 -11.20 -9.75
C GLY D 125 -8.99 -10.18 -9.14
N ARG D 126 -9.42 -9.54 -8.06
CA ARG D 126 -8.60 -8.54 -7.37
C ARG D 126 -7.39 -9.19 -6.72
N VAL D 127 -7.57 -10.41 -6.19
CA VAL D 127 -6.43 -11.15 -5.66
C VAL D 127 -5.36 -11.44 -6.74
N LEU D 128 -5.80 -11.87 -7.91
CA LEU D 128 -4.86 -12.12 -9.01
C LEU D 128 -4.22 -10.85 -9.52
N ALA D 129 -4.99 -9.77 -9.70
CA ALA D 129 -4.37 -8.51 -10.12
C ALA D 129 -3.26 -8.10 -9.14
N ALA D 130 -3.53 -8.24 -7.84
CA ALA D 130 -2.55 -7.92 -6.80
C ALA D 130 -1.32 -8.80 -6.86
N VAL D 131 -1.51 -10.12 -6.89
CA VAL D 131 -0.37 -11.01 -6.77
C VAL D 131 0.49 -10.92 -8.03
N GLY D 132 -0.14 -10.58 -9.15
CA GLY D 132 0.57 -10.36 -10.42
C GLY D 132 1.62 -9.26 -10.37
N MET D 133 1.50 -8.36 -9.39
CA MET D 133 2.49 -7.29 -9.21
C MET D 133 3.64 -7.66 -8.26
N ALA D 134 3.56 -8.84 -7.65
CA ALA D 134 4.62 -9.25 -6.72
C ALA D 134 5.91 -9.52 -7.49
N PRO D 135 7.07 -9.08 -6.94
CA PRO D 135 8.34 -9.26 -7.65
C PRO D 135 8.95 -10.67 -7.45
N ILE D 136 8.29 -11.69 -7.98
CA ILE D 136 8.61 -13.09 -7.74
C ILE D 136 8.35 -13.94 -9.00
N THR D 137 8.74 -15.22 -8.94
CA THR D 137 8.43 -16.21 -9.99
C THR D 137 6.95 -16.54 -10.02
N LEU D 138 6.33 -16.38 -11.19
CA LEU D 138 4.89 -16.49 -11.28
C LEU D 138 4.50 -17.00 -12.67
N ASP D 139 3.61 -17.99 -12.68
CA ASP D 139 2.93 -18.46 -13.90
C ASP D 139 1.44 -18.23 -13.75
N PRO D 140 0.90 -17.24 -14.50
CA PRO D 140 -0.52 -16.86 -14.37
C PRO D 140 -1.46 -18.05 -14.61
N ASP D 141 -1.00 -19.01 -15.41
CA ASP D 141 -1.82 -20.14 -15.81
C ASP D 141 -1.83 -21.29 -14.80
N ARG D 142 -1.07 -21.13 -13.71
CA ARG D 142 -0.96 -22.14 -12.66
C ARG D 142 -1.53 -21.71 -11.30
N ILE D 143 -2.16 -20.53 -11.25
CA ILE D 143 -2.57 -19.99 -9.96
C ILE D 143 -3.96 -20.44 -9.52
N SER D 144 -4.09 -20.82 -8.26
CA SER D 144 -5.41 -21.12 -7.74
C SER D 144 -5.73 -20.19 -6.57
N VAL D 145 -6.99 -19.78 -6.46
CA VAL D 145 -7.40 -18.95 -5.32
C VAL D 145 -8.61 -19.59 -4.60
N SER D 146 -8.47 -19.69 -3.29
CA SER D 146 -9.53 -20.24 -2.47
C SER D 146 -9.95 -19.24 -1.41
N PHE D 147 -11.25 -19.21 -1.11
CA PHE D 147 -11.78 -18.43 0.00
C PHE D 147 -12.46 -19.42 0.94
N ASN D 148 -12.00 -19.44 2.19
CA ASN D 148 -12.55 -20.36 3.19
C ASN D 148 -12.66 -21.79 2.65
N GLY D 149 -11.58 -22.24 1.99
CA GLY D 149 -11.41 -23.62 1.54
C GLY D 149 -12.11 -23.97 0.24
N ALA D 150 -12.81 -22.99 -0.33
CA ALA D 150 -13.53 -23.15 -1.58
C ALA D 150 -12.77 -22.54 -2.76
N ALA D 151 -12.42 -23.39 -3.73
CA ALA D 151 -11.64 -22.95 -4.89
C ALA D 151 -12.56 -22.17 -5.81
N VAL D 152 -12.22 -20.92 -6.09
CA VAL D 152 -13.04 -20.08 -6.97
C VAL D 152 -12.32 -19.74 -8.28
N CYS D 153 -11.00 -19.90 -8.24
CA CYS D 153 -10.08 -19.73 -9.36
C CYS D 153 -9.14 -20.94 -9.39
N VAL D 154 -9.07 -21.62 -10.54
CA VAL D 154 -8.10 -22.72 -10.73
C VAL D 154 -7.44 -22.56 -12.10
N HIS D 155 -6.13 -22.81 -12.17
CA HIS D 155 -5.36 -22.61 -13.39
C HIS D 155 -5.53 -21.20 -13.97
N GLY D 156 -5.63 -20.22 -13.07
CA GLY D 156 -5.66 -18.81 -13.47
C GLY D 156 -6.96 -18.35 -14.11
N VAL D 157 -8.03 -19.13 -13.93
CA VAL D 157 -9.36 -18.84 -14.46
C VAL D 157 -10.45 -19.24 -13.46
N GLY D 158 -11.65 -18.70 -13.62
CA GLY D 158 -12.74 -19.00 -12.71
C GLY D 158 -13.10 -20.47 -12.70
N ALA D 159 -13.36 -21.00 -11.51
CA ALA D 159 -13.73 -22.40 -11.37
C ALA D 159 -15.12 -22.59 -11.98
N PRO D 160 -15.40 -23.79 -12.55
CA PRO D 160 -16.67 -24.03 -13.25
C PRO D 160 -17.87 -23.98 -12.30
N VAL D 165 -19.53 -18.53 -2.60
CA VAL D 165 -18.91 -18.56 -1.27
C VAL D 165 -19.50 -17.47 -0.37
N ASP D 166 -19.95 -17.88 0.81
CA ASP D 166 -20.48 -16.97 1.82
C ASP D 166 -19.33 -16.46 2.66
N LEU D 167 -19.07 -15.15 2.59
CA LEU D 167 -18.00 -14.54 3.39
C LEU D 167 -18.55 -13.59 4.43
N SER D 168 -19.80 -13.81 4.85
CA SER D 168 -20.48 -12.95 5.80
C SER D 168 -19.79 -12.96 7.17
N ASP D 169 -19.23 -14.12 7.54
CA ASP D 169 -18.54 -14.27 8.83
C ASP D 169 -17.25 -13.45 8.89
N ALA D 170 -16.84 -13.13 10.11
CA ALA D 170 -15.67 -12.30 10.36
C ALA D 170 -14.36 -12.99 9.99
N ASP D 171 -14.28 -14.30 10.14
CA ASP D 171 -13.02 -14.96 9.79
C ASP D 171 -12.97 -15.35 8.32
N ILE D 172 -11.97 -14.83 7.60
CA ILE D 172 -11.79 -15.16 6.18
C ILE D 172 -10.39 -15.71 5.90
N ASP D 173 -10.29 -16.90 5.31
CA ASP D 173 -9.01 -17.34 4.77
C ASP D 173 -8.95 -17.30 3.26
N ILE D 174 -7.97 -16.57 2.76
CA ILE D 174 -7.65 -16.60 1.34
C ILE D 174 -6.41 -17.46 1.19
N THR D 175 -6.48 -18.43 0.28
CA THR D 175 -5.32 -19.29 0.04
C THR D 175 -5.01 -19.27 -1.46
N VAL D 176 -3.78 -18.90 -1.78
CA VAL D 176 -3.34 -18.80 -3.17
C VAL D 176 -2.18 -19.76 -3.39
N ASP D 177 -2.33 -20.68 -4.33
CA ASP D 177 -1.23 -21.59 -4.67
C ASP D 177 -0.67 -21.17 -6.01
N LEU D 178 0.65 -21.09 -6.08
CA LEU D 178 1.35 -20.58 -7.26
C LEU D 178 1.85 -21.71 -8.18
N GLY D 179 1.90 -22.92 -7.66
CA GLY D 179 2.22 -24.12 -8.46
C GLY D 179 3.60 -24.11 -9.10
N VAL D 180 4.54 -23.41 -8.46
CA VAL D 180 5.90 -23.28 -9.00
C VAL D 180 6.99 -23.72 -8.02
N GLY D 181 6.57 -24.32 -6.91
CA GLY D 181 7.51 -24.81 -5.91
C GLY D 181 6.78 -25.25 -4.65
N ASP D 182 7.52 -25.30 -3.54
CA ASP D 182 6.92 -25.69 -2.27
C ASP D 182 6.98 -24.61 -1.17
N GLY D 183 7.40 -23.40 -1.53
CA GLY D 183 7.48 -22.28 -0.58
C GLY D 183 6.10 -21.85 -0.10
N GLN D 184 5.97 -21.64 1.22
CA GLN D 184 4.69 -21.21 1.76
C GLN D 184 4.88 -20.20 2.89
N ALA D 185 3.87 -19.36 3.07
CA ALA D 185 3.92 -18.30 4.08
C ALA D 185 2.52 -17.78 4.35
N ARG D 186 2.32 -17.16 5.51
CA ARG D 186 0.99 -16.74 5.95
C ARG D 186 1.05 -15.37 6.63
N ILE D 187 0.13 -14.48 6.24
CA ILE D 187 0.06 -13.13 6.81
C ILE D 187 -1.28 -12.91 7.47
N ARG D 188 -1.24 -12.36 8.69
CA ARG D 188 -2.44 -11.90 9.36
C ARG D 188 -2.68 -10.46 8.97
N THR D 189 -3.89 -10.20 8.48
CA THR D 189 -4.35 -8.88 8.10
C THR D 189 -5.84 -8.63 8.42
N THR D 190 -6.34 -7.49 7.97
CA THR D 190 -7.72 -7.13 8.19
C THR D 190 -8.22 -6.39 6.94
N ASP D 191 -9.52 -6.10 6.94
CA ASP D 191 -10.16 -5.41 5.84
C ASP D 191 -10.02 -3.89 5.97
N LEU D 192 -10.36 -3.16 4.90
CA LEU D 192 -10.33 -1.70 4.91
C LEU D 192 -11.78 -1.24 4.96
N SER D 193 -12.20 -0.78 6.14
CA SER D 193 -13.60 -0.47 6.46
C SER D 193 -13.82 1.04 6.56
N HIS D 194 -15.08 1.47 6.56
CA HIS D 194 -15.37 2.88 6.86
C HIS D 194 -14.84 3.24 8.23
N ALA D 195 -14.96 2.31 9.18
CA ALA D 195 -14.44 2.52 10.52
C ALA D 195 -12.93 2.79 10.54
N TYR D 196 -12.18 2.06 9.71
CA TYR D 196 -10.74 2.36 9.59
C TYR D 196 -10.56 3.81 9.17
N VAL D 197 -11.31 4.19 8.13
CA VAL D 197 -11.15 5.49 7.48
C VAL D 197 -11.50 6.59 8.47
N GLU D 198 -12.63 6.40 9.17
CA GLU D 198 -13.10 7.42 10.10
C GLU D 198 -12.13 7.60 11.27
N GLU D 199 -11.64 6.50 11.82
CA GLU D 199 -10.69 6.54 12.92
C GLU D 199 -9.42 7.29 12.55
N ASN D 200 -9.04 7.20 11.28
CA ASN D 200 -7.77 7.72 10.84
C ASN D 200 -7.82 9.08 10.14
N SER D 201 -9.04 9.56 9.93
CA SER D 201 -9.27 10.84 9.33
C SER D 201 -9.97 11.84 10.28
N ALA D 202 -10.75 11.36 11.25
CA ALA D 202 -11.55 12.30 12.07
C ALA D 202 -10.94 12.64 13.42
C1 GOL E . 6.75 -2.91 -30.30
O1 GOL E . 6.45 -4.29 -30.21
C2 GOL E . 6.26 -2.23 -29.02
O2 GOL E . 6.93 -2.85 -27.93
C3 GOL E . 6.56 -0.74 -29.04
O3 GOL E . 5.59 -0.06 -29.81
C1 GOL F . -1.05 0.22 1.46
O1 GOL F . -0.31 -0.62 2.33
C2 GOL F . -0.58 0.11 0.01
O2 GOL F . -0.15 -1.21 -0.30
C3 GOL F . -1.78 0.44 -0.88
O3 GOL F . -1.34 0.69 -2.20
C ACT G . -0.62 8.65 13.99
O ACT G . -0.82 7.76 13.15
OXT ACT G . 0.49 8.63 14.55
CH3 ACT G . -1.68 9.66 14.32
C1 GOL H . -9.39 -5.67 31.88
O1 GOL H . -9.86 -5.15 30.65
C2 GOL H . -8.81 -7.08 31.78
O2 GOL H . -7.52 -7.03 32.35
C3 GOL H . -8.68 -7.59 30.34
O3 GOL H . -8.32 -8.95 30.34
C BEZ I . -1.83 -20.01 37.03
O1 BEZ I . -0.88 -20.81 37.24
O2 BEZ I . -2.32 -19.96 35.87
C1 BEZ I . -2.37 -19.15 38.17
C2 BEZ I . -1.91 -19.37 39.49
C3 BEZ I . -2.40 -18.60 40.54
C4 BEZ I . -3.35 -17.59 40.28
C5 BEZ I . -3.80 -17.37 38.97
C6 BEZ I . -3.32 -18.16 37.92
C ACT J . -12.43 -5.19 -9.89
O ACT J . -11.83 -5.85 -10.78
OXT ACT J . -12.05 -4.01 -9.72
CH3 ACT J . -13.55 -5.79 -9.09
#